data_4NBW
#
_entry.id   4NBW
#
_cell.length_a   77.730
_cell.length_b   75.140
_cell.length_c   97.725
_cell.angle_alpha   90.00
_cell.angle_beta   113.43
_cell.angle_gamma   90.00
#
_symmetry.space_group_name_H-M   'P 1 21 1'
#
loop_
_entity.id
_entity.type
_entity.pdbx_description
1 polymer 'Short-chain dehydrogenase/reductase SDR'
2 non-polymer NICOTINAMIDE-ADENINE-DINUCLEOTIDE
3 water water
#
_entity_poly.entity_id   1
_entity_poly.type   'polypeptide(L)'
_entity_poly.pdbx_seq_one_letter_code
;MSTDKRVAIITGAANGIGRATALEFAQAGYHVVAWDLAEEAGAALIAEIADAGGSADFARVDVSAAESVEAAVAEIIAEH
GRVDVLVNNAGILHDGQLVKVKGGEVVKKMAEAQFDAVISVNLKGVFLCTQAVAPHMIAAKYGRILNASSVVGLYGNFGQ
TNYVAAKSGVIGMTKVWARELGRYGITVNAIAPGFIATEMVQQMPERVLEAMVARTPVGRIGDPVDIARAYLFLASEESG
FISGTTLSVDGGMVVGS
;
_entity_poly.pdbx_strand_id   A,B,C,D
#
# COMPACT_ATOMS: atom_id res chain seq x y z
N LYS A 5 1.89 32.85 20.52
CA LYS A 5 2.36 31.46 20.38
C LYS A 5 1.40 30.75 19.46
N ARG A 6 1.89 29.80 18.69
CA ARG A 6 1.01 28.81 18.05
C ARG A 6 0.43 27.91 19.13
N VAL A 7 -0.82 27.50 18.94
CA VAL A 7 -1.53 26.65 19.89
C VAL A 7 -1.66 25.24 19.33
N ALA A 8 -1.28 24.24 20.12
CA ALA A 8 -1.44 22.87 19.71
C ALA A 8 -2.34 22.14 20.70
N ILE A 9 -3.40 21.53 20.18
CA ILE A 9 -4.23 20.64 20.96
C ILE A 9 -3.66 19.24 20.87
N ILE A 10 -3.33 18.66 22.00
CA ILE A 10 -2.93 17.26 22.09
C ILE A 10 -3.98 16.48 22.88
N THR A 11 -4.68 15.56 22.22
CA THR A 11 -5.69 14.75 22.88
C THR A 11 -5.01 13.48 23.44
N GLY A 12 -5.59 12.91 24.49
CA GLY A 12 -4.94 11.86 25.23
C GLY A 12 -3.57 12.27 25.76
N ALA A 13 -3.47 13.53 26.21
CA ALA A 13 -2.20 14.11 26.62
C ALA A 13 -1.66 13.61 27.98
N ALA A 14 -2.51 12.94 28.76
CA ALA A 14 -2.18 12.71 30.16
C ALA A 14 -1.13 11.61 30.36
N ASN A 15 -1.06 10.64 29.43
CA ASN A 15 -0.07 9.56 29.57
C ASN A 15 0.61 9.22 28.24
N GLY A 16 1.61 8.33 28.32
CA GLY A 16 2.22 7.73 27.13
C GLY A 16 2.72 8.71 26.09
N ILE A 17 2.38 8.42 24.83
CA ILE A 17 2.81 9.21 23.68
C ILE A 17 2.26 10.63 23.72
N GLY A 18 1.00 10.77 24.14
CA GLY A 18 0.40 12.08 24.30
C GLY A 18 1.19 12.95 25.26
N ARG A 19 1.58 12.37 26.38
CA ARG A 19 2.31 13.09 27.41
C ARG A 19 3.68 13.58 26.90
N ALA A 20 4.42 12.69 26.24
CA ALA A 20 5.70 13.06 25.69
C ALA A 20 5.53 14.15 24.64
N THR A 21 4.47 14.05 23.84
CA THR A 21 4.24 14.99 22.72
C THR A 21 3.87 16.34 23.27
N ALA A 22 3.09 16.33 24.34
CA ALA A 22 2.74 17.56 25.01
C ALA A 22 4.00 18.21 25.59
N LEU A 23 4.82 17.43 26.31
CA LEU A 23 6.05 17.98 26.88
C LEU A 23 6.93 18.53 25.76
N GLU A 24 6.96 17.82 24.64
CA GLU A 24 7.81 18.18 23.49
C GLU A 24 7.38 19.47 22.76
N PHE A 25 6.10 19.58 22.44
CA PHE A 25 5.61 20.78 21.78
C PHE A 25 5.78 22.05 22.67
N ALA A 26 5.51 21.93 23.96
CA ALA A 26 5.65 23.07 24.84
C ALA A 26 7.13 23.48 24.96
N GLN A 27 8.02 22.51 24.95
CA GLN A 27 9.45 22.82 25.00
C GLN A 27 9.88 23.55 23.71
N ALA A 28 9.25 23.22 22.59
CA ALA A 28 9.59 23.88 21.33
C ALA A 28 8.98 25.26 21.23
N GLY A 29 8.11 25.61 22.17
CA GLY A 29 7.58 26.96 22.25
C GLY A 29 6.13 27.13 21.81
N TYR A 30 5.43 26.00 21.59
CA TYR A 30 3.98 26.04 21.36
C TYR A 30 3.24 26.29 22.66
N HIS A 31 2.07 26.91 22.59
CA HIS A 31 1.17 26.85 23.73
C HIS A 31 0.31 25.59 23.64
N VAL A 32 0.49 24.67 24.59
CA VAL A 32 -0.24 23.39 24.55
C VAL A 32 -1.59 23.44 25.28
N VAL A 33 -2.61 22.92 24.61
CA VAL A 33 -3.84 22.56 25.29
C VAL A 33 -3.90 21.04 25.31
N ALA A 34 -3.95 20.50 26.51
CA ALA A 34 -3.95 19.06 26.74
C ALA A 34 -5.37 18.62 27.05
N TRP A 35 -5.86 17.67 26.28
CA TRP A 35 -7.17 17.08 26.53
C TRP A 35 -7.01 15.63 26.94
N ASP A 36 -7.75 15.25 27.97
CA ASP A 36 -7.73 13.88 28.44
C ASP A 36 -8.87 13.69 29.40
N LEU A 37 -9.24 12.43 29.65
CA LEU A 37 -10.23 12.08 30.67
C LEU A 37 -9.56 12.10 32.03
N ALA A 38 -8.26 11.86 32.06
CA ALA A 38 -7.56 11.69 33.33
C ALA A 38 -7.04 13.03 33.84
N GLU A 39 -7.80 13.58 34.77
CA GLU A 39 -7.56 14.89 35.35
C GLU A 39 -6.30 14.98 36.21
N GLU A 40 -6.02 13.94 36.99
CA GLU A 40 -4.90 14.00 37.91
C GLU A 40 -3.61 14.11 37.10
N ALA A 41 -3.42 13.13 36.21
CA ALA A 41 -2.24 13.08 35.35
C ALA A 41 -2.17 14.31 34.44
N GLY A 42 -3.33 14.82 34.04
CA GLY A 42 -3.38 16.01 33.19
C GLY A 42 -2.82 17.25 33.89
N ALA A 43 -3.21 17.43 35.14
CA ALA A 43 -2.76 18.55 35.94
C ALA A 43 -1.25 18.49 36.17
N ALA A 44 -0.75 17.29 36.43
CA ALA A 44 0.65 17.07 36.74
C ALA A 44 1.49 17.38 35.50
N LEU A 45 0.94 17.06 34.34
CA LEU A 45 1.58 17.42 33.08
C LEU A 45 1.78 18.94 32.98
N ILE A 46 0.70 19.68 33.19
CA ILE A 46 0.70 21.14 33.15
C ILE A 46 1.73 21.72 34.14
N ALA A 47 1.80 21.12 35.32
CA ALA A 47 2.74 21.55 36.33
C ALA A 47 4.16 21.38 35.80
N GLU A 48 4.44 20.17 35.32
CA GLU A 48 5.76 19.89 34.79
C GLU A 48 6.10 20.85 33.64
N ILE A 49 5.18 21.02 32.70
CA ILE A 49 5.34 22.02 31.65
C ILE A 49 5.69 23.41 32.22
N ALA A 50 4.91 23.89 33.20
CA ALA A 50 5.11 25.25 33.73
C ALA A 50 6.43 25.38 34.48
N ASP A 51 6.88 24.29 35.11
CA ASP A 51 8.15 24.30 35.83
C ASP A 51 9.35 24.38 34.88
N ALA A 52 9.15 23.87 33.66
CA ALA A 52 10.22 23.81 32.65
C ALA A 52 10.27 25.08 31.83
N GLY A 53 9.33 25.99 32.11
CA GLY A 53 9.32 27.31 31.49
C GLY A 53 8.37 27.41 30.31
N GLY A 54 7.46 26.44 30.21
CA GLY A 54 6.54 26.39 29.10
C GLY A 54 5.18 26.91 29.52
N SER A 55 4.25 26.95 28.57
CA SER A 55 2.90 27.42 28.82
C SER A 55 1.93 26.36 28.31
N ALA A 56 0.98 25.99 29.17
CA ALA A 56 0.00 25.00 28.79
C ALA A 56 -1.25 25.10 29.65
N ASP A 57 -2.36 24.65 29.07
CA ASP A 57 -3.63 24.45 29.76
C ASP A 57 -4.04 22.96 29.69
N PHE A 58 -4.85 22.51 30.65
CA PHE A 58 -5.49 21.21 30.60
C PHE A 58 -6.99 21.41 30.66
N ALA A 59 -7.72 20.57 29.95
CA ALA A 59 -9.17 20.49 30.11
C ALA A 59 -9.56 19.03 30.04
N ARG A 60 -10.48 18.61 30.90
CA ARG A 60 -11.05 17.27 30.84
C ARG A 60 -11.97 17.21 29.63
N VAL A 61 -11.59 16.45 28.60
CA VAL A 61 -12.43 16.27 27.40
C VAL A 61 -12.53 14.81 26.95
N ASP A 62 -13.75 14.32 26.82
CA ASP A 62 -14.06 13.04 26.18
C ASP A 62 -14.17 13.29 24.68
N VAL A 63 -13.17 12.85 23.92
CA VAL A 63 -13.16 13.11 22.49
C VAL A 63 -14.36 12.46 21.78
N SER A 64 -15.03 11.51 22.43
CA SER A 64 -16.12 10.80 21.78
C SER A 64 -17.46 11.54 21.96
N ALA A 65 -17.43 12.61 22.75
CA ALA A 65 -18.63 13.37 23.06
C ALA A 65 -18.62 14.72 22.34
N ALA A 66 -19.48 14.87 21.34
CA ALA A 66 -19.50 16.04 20.48
C ALA A 66 -19.64 17.35 21.25
N GLU A 67 -20.52 17.33 22.24
CA GLU A 67 -20.85 18.50 22.99
C GLU A 67 -19.62 18.94 23.77
N SER A 68 -18.92 17.96 24.37
CA SER A 68 -17.67 18.19 25.13
C SER A 68 -16.58 18.81 24.25
N VAL A 69 -16.40 18.21 23.08
CA VAL A 69 -15.39 18.66 22.13
C VAL A 69 -15.68 20.09 21.65
N GLU A 70 -16.93 20.35 21.25
CA GLU A 70 -17.31 21.67 20.75
C GLU A 70 -17.07 22.78 21.78
N ALA A 71 -17.56 22.59 23.01
CA ALA A 71 -17.31 23.54 24.11
C ALA A 71 -15.82 23.80 24.38
N ALA A 72 -15.03 22.74 24.37
CA ALA A 72 -13.60 22.88 24.68
C ALA A 72 -12.90 23.68 23.56
N VAL A 73 -13.29 23.48 22.30
CA VAL A 73 -12.69 24.23 21.20
C VAL A 73 -13.11 25.68 21.34
N ALA A 74 -14.39 25.93 21.64
CA ALA A 74 -14.86 27.31 21.81
C ALA A 74 -14.07 27.99 22.95
N GLU A 75 -13.73 27.23 23.98
CA GLU A 75 -13.01 27.86 25.08
C GLU A 75 -11.65 28.32 24.60
N ILE A 76 -10.97 27.47 23.86
CA ILE A 76 -9.63 27.78 23.38
C ILE A 76 -9.62 29.04 22.53
N ILE A 77 -10.56 29.12 21.60
CA ILE A 77 -10.73 30.27 20.73
C ILE A 77 -10.96 31.53 21.55
N ALA A 78 -11.79 31.44 22.58
CA ALA A 78 -12.11 32.58 23.41
C ALA A 78 -10.87 33.09 24.16
N GLU A 79 -10.04 32.15 24.58
CA GLU A 79 -8.82 32.45 25.34
C GLU A 79 -7.64 32.86 24.47
N HIS A 80 -7.43 32.13 23.38
CA HIS A 80 -6.19 32.25 22.62
C HIS A 80 -6.38 32.66 21.14
N GLY A 81 -7.60 32.56 20.64
CA GLY A 81 -7.96 33.02 19.31
C GLY A 81 -7.60 32.10 18.13
N ARG A 82 -7.04 30.94 18.40
CA ARG A 82 -6.44 30.16 17.32
C ARG A 82 -6.19 28.74 17.72
N VAL A 83 -6.20 27.88 16.71
CA VAL A 83 -5.75 26.50 16.78
C VAL A 83 -4.85 26.26 15.56
N ASP A 84 -3.55 26.22 15.79
CA ASP A 84 -2.59 25.96 14.74
C ASP A 84 -2.47 24.46 14.47
N VAL A 85 -2.53 23.66 15.53
CA VAL A 85 -2.26 22.23 15.47
C VAL A 85 -3.27 21.39 16.28
N LEU A 86 -3.66 20.24 15.73
CA LEU A 86 -4.41 19.22 16.45
C LEU A 86 -3.72 17.88 16.30
N VAL A 87 -3.36 17.26 17.42
CA VAL A 87 -2.83 15.88 17.40
C VAL A 87 -3.89 14.98 17.99
N ASN A 88 -4.54 14.20 17.14
CA ASN A 88 -5.59 13.29 17.60
C ASN A 88 -4.92 12.01 18.08
N ASN A 89 -4.52 11.96 19.36
CA ASN A 89 -3.72 10.84 19.91
C ASN A 89 -4.46 9.97 20.92
N ALA A 90 -5.56 10.47 21.44
CA ALA A 90 -6.36 9.72 22.40
C ALA A 90 -6.80 8.40 21.80
N GLY A 91 -6.76 7.34 22.61
CA GLY A 91 -7.16 6.01 22.16
C GLY A 91 -7.27 5.01 23.31
N ILE A 92 -7.97 3.91 23.05
CA ILE A 92 -8.07 2.78 23.97
C ILE A 92 -7.94 1.45 23.19
N LEU A 93 -7.64 0.38 23.93
CA LEU A 93 -7.60 -1.00 23.41
C LEU A 93 -8.58 -1.89 24.15
N HIS A 94 -9.31 -2.73 23.44
CA HIS A 94 -9.96 -3.86 24.09
C HIS A 94 -9.91 -5.07 23.14
N ASP A 95 -8.76 -5.73 23.11
CA ASP A 95 -8.46 -6.83 22.18
C ASP A 95 -9.30 -8.09 22.44
N GLY A 96 -9.42 -8.94 21.42
CA GLY A 96 -10.13 -10.20 21.51
C GLY A 96 -10.40 -10.81 20.14
N GLN A 97 -10.32 -12.12 20.04
CA GLN A 97 -10.67 -12.81 18.80
C GLN A 97 -12.13 -12.48 18.42
N LEU A 98 -12.43 -12.49 17.13
CA LEU A 98 -13.81 -12.28 16.68
C LEU A 98 -14.74 -13.24 17.40
N VAL A 99 -14.31 -14.49 17.41
CA VAL A 99 -15.05 -15.60 17.96
C VAL A 99 -14.03 -16.61 18.50
N LYS A 100 -14.36 -17.28 19.60
CA LYS A 100 -13.54 -18.36 20.15
C LYS A 100 -14.41 -19.57 20.38
N VAL A 101 -14.13 -20.67 19.69
CA VAL A 101 -14.97 -21.87 19.72
C VAL A 101 -14.28 -23.01 20.48
N LYS A 102 -15.07 -23.79 21.20
CA LYS A 102 -14.56 -24.97 21.91
C LYS A 102 -15.75 -25.77 22.41
N GLY A 103 -15.64 -27.10 22.37
CA GLY A 103 -16.73 -27.97 22.77
C GLY A 103 -17.90 -27.77 21.83
N GLY A 104 -17.60 -27.39 20.59
CA GLY A 104 -18.62 -27.16 19.58
C GLY A 104 -19.52 -25.97 19.89
N GLU A 105 -19.08 -25.11 20.81
CA GLU A 105 -19.86 -23.96 21.21
C GLU A 105 -18.97 -22.72 21.26
N VAL A 106 -19.55 -21.57 21.01
CA VAL A 106 -18.84 -20.32 21.20
C VAL A 106 -18.64 -20.13 22.70
N VAL A 107 -17.40 -19.91 23.14
CA VAL A 107 -17.13 -19.75 24.56
C VAL A 107 -16.71 -18.33 24.85
N LYS A 108 -16.31 -17.61 23.80
CA LYS A 108 -15.97 -16.20 23.94
C LYS A 108 -15.98 -15.49 22.60
N LYS A 109 -16.41 -14.22 22.59
CA LYS A 109 -16.48 -13.46 21.35
C LYS A 109 -16.29 -11.99 21.65
N MET A 110 -15.82 -11.22 20.68
CA MET A 110 -15.69 -9.79 20.86
C MET A 110 -17.07 -9.17 21.05
N ALA A 111 -17.32 -8.67 22.25
CA ALA A 111 -18.60 -8.07 22.61
C ALA A 111 -18.89 -6.87 21.72
N GLU A 112 -20.15 -6.70 21.34
CA GLU A 112 -20.61 -5.53 20.58
C GLU A 112 -20.14 -4.22 21.21
N ALA A 113 -20.35 -4.07 22.51
CA ALA A 113 -19.91 -2.87 23.25
C ALA A 113 -18.41 -2.62 23.14
N GLN A 114 -17.61 -3.66 23.13
CA GLN A 114 -16.18 -3.47 23.11
C GLN A 114 -15.71 -3.17 21.70
N PHE A 115 -16.43 -3.68 20.72
CA PHE A 115 -16.21 -3.20 19.36
C PHE A 115 -16.54 -1.72 19.27
N ASP A 116 -17.69 -1.37 19.77
CA ASP A 116 -18.22 -0.04 19.64
C ASP A 116 -17.30 0.98 20.37
N ALA A 117 -16.89 0.66 21.58
CA ALA A 117 -16.09 1.60 22.41
C ALA A 117 -14.79 1.96 21.74
N VAL A 118 -14.11 0.99 21.15
CA VAL A 118 -12.85 1.31 20.49
C VAL A 118 -13.10 2.17 19.22
N ILE A 119 -14.15 1.82 18.47
CA ILE A 119 -14.58 2.65 17.34
C ILE A 119 -14.90 4.08 17.79
N SER A 120 -15.64 4.22 18.87
CA SER A 120 -16.07 5.52 19.31
C SER A 120 -14.89 6.47 19.61
N VAL A 121 -13.95 6.01 20.42
CA VAL A 121 -12.78 6.80 20.78
C VAL A 121 -11.78 6.96 19.63
N ASN A 122 -11.42 5.84 19.02
CA ASN A 122 -10.26 5.81 18.13
C ASN A 122 -10.58 6.23 16.70
N LEU A 123 -11.85 6.15 16.35
CA LEU A 123 -12.29 6.53 14.99
C LEU A 123 -13.19 7.75 15.09
N LYS A 124 -14.32 7.63 15.79
CA LYS A 124 -15.27 8.73 15.87
C LYS A 124 -14.69 9.96 16.58
N GLY A 125 -13.90 9.75 17.62
CA GLY A 125 -13.25 10.85 18.33
C GLY A 125 -12.32 11.65 17.44
N VAL A 126 -11.70 10.99 16.47
CA VAL A 126 -10.79 11.69 15.56
C VAL A 126 -11.62 12.58 14.62
N PHE A 127 -12.77 12.06 14.21
CA PHE A 127 -13.73 12.78 13.35
C PHE A 127 -14.25 14.03 14.08
N LEU A 128 -14.73 13.87 15.31
CA LEU A 128 -15.34 14.96 16.04
C LEU A 128 -14.34 16.10 16.29
N CYS A 129 -13.15 15.76 16.81
CA CYS A 129 -12.11 16.74 17.11
C CYS A 129 -11.67 17.51 15.88
N THR A 130 -11.33 16.80 14.81
CA THR A 130 -10.92 17.47 13.60
C THR A 130 -12.06 18.37 13.11
N GLN A 131 -13.28 17.86 13.12
CA GLN A 131 -14.40 18.63 12.61
C GLN A 131 -14.56 19.94 13.37
N ALA A 132 -14.25 19.93 14.68
CA ALA A 132 -14.46 21.11 15.50
C ALA A 132 -13.38 22.18 15.31
N VAL A 133 -12.12 21.80 15.08
CA VAL A 133 -11.10 22.83 14.97
C VAL A 133 -10.99 23.27 13.52
N ALA A 134 -11.47 22.44 12.61
CA ALA A 134 -11.30 22.67 11.18
C ALA A 134 -11.72 24.07 10.73
N PRO A 135 -12.90 24.55 11.15
CA PRO A 135 -13.35 25.87 10.70
C PRO A 135 -12.42 26.99 11.16
N HIS A 136 -11.77 26.81 12.30
CA HIS A 136 -10.90 27.88 12.78
C HIS A 136 -9.61 27.89 11.97
N MET A 137 -9.10 26.70 11.65
CA MET A 137 -7.96 26.57 10.76
C MET A 137 -8.26 27.18 9.38
N ILE A 138 -9.44 26.90 8.82
CA ILE A 138 -9.83 27.49 7.54
C ILE A 138 -9.80 29.06 7.52
N ALA A 139 -10.45 29.71 8.49
CA ALA A 139 -10.45 31.15 8.57
C ALA A 139 -9.05 31.71 8.65
N ALA A 140 -8.19 31.05 9.44
CA ALA A 140 -6.83 31.54 9.62
C ALA A 140 -5.97 31.13 8.40
N LYS A 141 -6.55 30.32 7.50
CA LYS A 141 -5.81 29.80 6.35
C LYS A 141 -4.48 29.15 6.74
N TYR A 142 -4.49 28.48 7.90
CA TYR A 142 -3.34 27.68 8.38
C TYR A 142 -3.77 26.53 9.28
N GLY A 143 -3.18 25.37 9.08
CA GLY A 143 -3.46 24.27 9.99
C GLY A 143 -2.54 23.08 9.86
N ARG A 144 -2.43 22.34 10.96
CA ARG A 144 -1.78 21.02 11.02
C ARG A 144 -2.67 20.00 11.75
N ILE A 145 -3.17 19.00 11.03
CA ILE A 145 -3.95 17.91 11.62
C ILE A 145 -3.11 16.64 11.65
N LEU A 146 -3.01 16.00 12.81
CA LEU A 146 -2.10 14.89 12.96
C LEU A 146 -2.81 13.78 13.73
N ASN A 147 -2.92 12.62 13.08
CA ASN A 147 -3.78 11.55 13.52
C ASN A 147 -2.98 10.30 13.94
N ALA A 148 -3.34 9.74 15.09
CA ALA A 148 -2.69 8.56 15.63
C ALA A 148 -3.22 7.27 14.97
N SER A 149 -2.43 6.69 14.06
CA SER A 149 -2.71 5.34 13.52
C SER A 149 -1.80 4.31 14.23
N SER A 150 -1.45 3.24 13.53
CA SER A 150 -0.64 2.16 14.11
C SER A 150 -0.09 1.32 12.96
N VAL A 151 1.10 0.75 13.15
CA VAL A 151 1.68 -0.22 12.21
C VAL A 151 0.65 -1.31 11.91
N VAL A 152 -0.17 -1.56 12.91
CA VAL A 152 -1.14 -2.65 12.86
C VAL A 152 -2.32 -2.25 11.95
N GLY A 153 -2.43 -0.96 11.68
CA GLY A 153 -3.38 -0.46 10.70
C GLY A 153 -2.98 -0.78 9.27
N LEU A 154 -1.69 -1.07 9.07
CA LEU A 154 -1.16 -1.39 7.77
C LEU A 154 -1.33 -2.90 7.44
N TYR A 155 -1.03 -3.74 8.44
CA TYR A 155 -0.84 -5.18 8.23
C TYR A 155 -1.94 -6.05 8.79
N GLY A 156 -2.72 -5.46 9.69
CA GLY A 156 -3.65 -6.20 10.52
C GLY A 156 -2.88 -6.91 11.61
N ASN A 157 -3.61 -7.53 12.53
CA ASN A 157 -3.03 -8.27 13.65
C ASN A 157 -4.10 -9.14 14.28
N PHE A 158 -3.72 -10.35 14.69
CA PHE A 158 -4.56 -11.28 15.47
C PHE A 158 -5.13 -10.58 16.69
N GLY A 159 -6.42 -10.78 16.93
CA GLY A 159 -7.08 -10.33 18.13
C GLY A 159 -7.49 -8.88 18.22
N GLN A 160 -7.33 -8.15 17.12
CA GLN A 160 -7.57 -6.69 17.13
C GLN A 160 -8.57 -6.23 16.06
N THR A 161 -9.62 -7.02 15.80
CA THR A 161 -10.71 -6.59 14.90
C THR A 161 -11.03 -5.09 15.05
N ASN A 162 -11.32 -4.66 16.27
CA ASN A 162 -11.77 -3.28 16.55
C ASN A 162 -10.68 -2.23 16.38
N TYR A 163 -9.53 -2.49 16.98
CA TYR A 163 -8.44 -1.52 16.98
C TYR A 163 -7.95 -1.32 15.54
N VAL A 164 -7.80 -2.42 14.79
CA VAL A 164 -7.34 -2.34 13.40
C VAL A 164 -8.36 -1.63 12.49
N ALA A 165 -9.65 -1.82 12.72
CA ALA A 165 -10.67 -1.15 11.93
C ALA A 165 -10.54 0.37 12.07
N ALA A 166 -10.38 0.78 13.33
CA ALA A 166 -10.20 2.20 13.70
C ALA A 166 -8.95 2.77 13.10
N LYS A 167 -7.84 2.04 13.24
CA LYS A 167 -6.55 2.59 12.86
C LYS A 167 -6.39 2.61 11.35
N SER A 168 -6.96 1.63 10.64
CA SER A 168 -6.99 1.67 9.18
C SER A 168 -7.92 2.76 8.67
N GLY A 169 -9.04 2.96 9.34
CA GLY A 169 -9.98 3.98 8.91
C GLY A 169 -9.46 5.38 9.15
N VAL A 170 -8.64 5.54 10.19
CA VAL A 170 -8.05 6.83 10.52
C VAL A 170 -7.15 7.27 9.35
N ILE A 171 -6.44 6.33 8.76
CA ILE A 171 -5.65 6.62 7.57
C ILE A 171 -6.58 7.04 6.42
N GLY A 172 -7.75 6.45 6.32
CA GLY A 172 -8.67 6.78 5.24
C GLY A 172 -9.13 8.21 5.36
N MET A 173 -9.58 8.56 6.58
CA MET A 173 -10.02 9.92 6.87
C MET A 173 -8.86 10.92 6.63
N THR A 174 -7.64 10.49 6.94
CA THR A 174 -6.47 11.36 6.77
C THR A 174 -6.40 11.74 5.28
N LYS A 175 -6.69 10.78 4.43
CA LYS A 175 -6.60 11.02 2.99
C LYS A 175 -7.73 11.92 2.48
N VAL A 176 -8.91 11.78 3.04
CA VAL A 176 -10.05 12.60 2.65
C VAL A 176 -9.76 14.07 3.05
N TRP A 177 -9.49 14.26 4.34
CA TRP A 177 -9.31 15.58 4.87
C TRP A 177 -8.19 16.33 4.19
N ALA A 178 -7.14 15.61 3.79
CA ALA A 178 -6.05 16.23 3.08
C ALA A 178 -6.59 16.83 1.78
N ARG A 179 -7.52 16.10 1.15
CA ARG A 179 -8.16 16.55 -0.07
C ARG A 179 -9.07 17.74 0.18
N GLU A 180 -9.80 17.74 1.28
CA GLU A 180 -10.79 18.77 1.53
C GLU A 180 -10.15 20.08 2.04
N LEU A 181 -9.03 19.98 2.73
CA LEU A 181 -8.51 21.12 3.51
C LEU A 181 -7.23 21.75 2.95
N GLY A 182 -6.59 21.09 2.01
CA GLY A 182 -5.34 21.61 1.44
C GLY A 182 -5.52 23.00 0.85
N ARG A 183 -6.64 23.22 0.17
CA ARG A 183 -6.97 24.51 -0.44
C ARG A 183 -6.96 25.70 0.56
N TYR A 184 -7.06 25.39 1.86
CA TYR A 184 -7.04 26.39 2.92
C TYR A 184 -5.77 26.45 3.75
N GLY A 185 -4.69 25.83 3.28
CA GLY A 185 -3.40 25.99 3.92
C GLY A 185 -3.22 24.97 5.04
N ILE A 186 -4.09 23.97 5.04
CA ILE A 186 -4.06 22.92 6.05
C ILE A 186 -3.52 21.60 5.50
N THR A 187 -2.58 20.99 6.23
CA THR A 187 -2.12 19.64 5.90
C THR A 187 -2.72 18.63 6.90
N VAL A 188 -2.83 17.38 6.46
CA VAL A 188 -3.47 16.34 7.25
C VAL A 188 -2.64 15.07 7.07
N ASN A 189 -2.05 14.59 8.16
CA ASN A 189 -1.19 13.41 8.11
C ASN A 189 -1.46 12.48 9.27
N ALA A 190 -0.98 11.23 9.14
CA ALA A 190 -1.00 10.24 10.23
C ALA A 190 0.40 9.72 10.58
N ILE A 191 0.54 9.31 11.83
CA ILE A 191 1.71 8.57 12.26
C ILE A 191 1.24 7.18 12.65
N ALA A 192 2.00 6.15 12.25
CA ALA A 192 1.68 4.77 12.60
C ALA A 192 2.83 4.14 13.46
N PRO A 193 2.72 4.19 14.79
CA PRO A 193 3.83 3.71 15.63
C PRO A 193 3.87 2.19 15.67
N GLY A 194 5.06 1.62 15.90
CA GLY A 194 5.23 0.20 16.15
C GLY A 194 5.15 -0.05 17.65
N PHE A 195 6.03 -0.90 18.16
CA PHE A 195 6.06 -1.18 19.58
C PHE A 195 6.66 0.03 20.32
N ILE A 196 5.90 0.59 21.26
CA ILE A 196 6.32 1.74 22.06
C ILE A 196 6.06 1.48 23.55
N ALA A 197 7.06 1.67 24.39
CA ALA A 197 6.89 1.31 25.79
C ALA A 197 6.18 2.41 26.57
N THR A 198 4.86 2.34 26.53
CA THR A 198 4.00 3.04 27.48
C THR A 198 3.79 2.15 28.69
N GLU A 199 2.92 2.58 29.61
CA GLU A 199 2.64 1.84 30.84
C GLU A 199 2.35 0.39 30.54
N MET A 200 1.30 0.11 29.77
CA MET A 200 0.83 -1.26 29.64
C MET A 200 1.93 -2.14 29.07
N VAL A 201 2.62 -1.62 28.05
CA VAL A 201 3.69 -2.36 27.40
C VAL A 201 4.84 -2.60 28.33
N GLN A 202 5.23 -1.59 29.10
CA GLN A 202 6.27 -1.78 30.12
C GLN A 202 5.94 -2.89 31.13
N GLN A 203 4.66 -3.17 31.35
CA GLN A 203 4.26 -4.18 32.32
C GLN A 203 4.04 -5.60 31.72
N MET A 204 4.21 -5.71 30.40
CA MET A 204 4.15 -7.01 29.70
C MET A 204 5.29 -7.92 30.13
N PRO A 205 5.07 -9.24 30.11
CA PRO A 205 6.09 -10.20 30.59
C PRO A 205 7.43 -9.99 29.89
N GLU A 206 8.54 -10.16 30.61
CA GLU A 206 9.90 -9.96 30.05
C GLU A 206 10.13 -10.79 28.80
N ARG A 207 9.72 -12.06 28.87
CA ARG A 207 9.90 -12.96 27.74
C ARG A 207 9.19 -12.43 26.46
N VAL A 208 7.99 -11.90 26.64
CA VAL A 208 7.23 -11.42 25.49
C VAL A 208 7.91 -10.19 24.90
N LEU A 209 8.34 -9.24 25.74
CA LEU A 209 9.02 -8.05 25.27
C LEU A 209 10.28 -8.44 24.50
N GLU A 210 10.98 -9.46 25.00
CA GLU A 210 12.19 -9.93 24.31
C GLU A 210 11.92 -10.42 22.90
N ALA A 211 10.81 -11.14 22.71
CA ALA A 211 10.44 -11.67 21.41
C ALA A 211 10.00 -10.51 20.50
N MET A 212 9.35 -9.50 21.07
CA MET A 212 8.91 -8.30 20.30
C MET A 212 10.13 -7.53 19.77
N VAL A 213 11.09 -7.29 20.64
CA VAL A 213 12.36 -6.74 20.21
C VAL A 213 13.05 -7.60 19.15
N ALA A 214 12.99 -8.92 19.29
CA ALA A 214 13.69 -9.80 18.35
C ALA A 214 13.09 -9.60 16.97
N ARG A 215 11.79 -9.36 16.91
CA ARG A 215 11.07 -9.06 15.65
C ARG A 215 11.27 -7.62 15.13
N THR A 216 12.10 -6.83 15.81
CA THR A 216 12.26 -5.40 15.47
C THR A 216 13.69 -5.15 14.97
N PRO A 217 13.84 -4.85 13.67
CA PRO A 217 15.19 -4.76 13.10
C PRO A 217 16.16 -3.83 13.84
N VAL A 218 15.75 -2.64 14.25
CA VAL A 218 16.70 -1.76 14.92
C VAL A 218 17.01 -2.23 16.32
N GLY A 219 16.30 -3.25 16.82
CA GLY A 219 16.72 -3.98 18.00
C GLY A 219 16.36 -3.42 19.38
N ARG A 220 15.26 -2.68 19.46
CA ARG A 220 14.70 -2.27 20.75
C ARG A 220 13.20 -1.99 20.61
N ILE A 221 12.52 -1.92 21.77
CA ILE A 221 11.18 -1.33 21.89
C ILE A 221 11.32 0.18 21.73
N GLY A 222 10.32 0.81 21.12
CA GLY A 222 10.37 2.25 20.93
C GLY A 222 10.00 3.07 22.16
N ASP A 223 10.33 4.35 22.14
CA ASP A 223 10.05 5.26 23.24
C ASP A 223 9.03 6.31 22.82
N PRO A 224 8.17 6.75 23.77
CA PRO A 224 7.22 7.81 23.47
C PRO A 224 7.87 9.00 22.81
N VAL A 225 9.11 9.24 23.19
CA VAL A 225 9.89 10.35 22.67
C VAL A 225 10.15 10.21 21.17
N ASP A 226 10.15 8.99 20.67
CA ASP A 226 10.41 8.76 19.25
C ASP A 226 9.23 9.30 18.47
N ILE A 227 8.06 9.21 19.07
CA ILE A 227 6.84 9.60 18.41
C ILE A 227 6.68 11.11 18.55
N ALA A 228 6.91 11.60 19.76
CA ALA A 228 6.74 13.00 20.06
C ALA A 228 7.46 13.89 19.05
N ARG A 229 8.70 13.54 18.72
CA ARG A 229 9.48 14.35 17.78
C ARG A 229 8.97 14.18 16.33
N ALA A 230 8.28 13.08 16.05
CA ALA A 230 7.75 12.90 14.70
C ALA A 230 6.56 13.82 14.42
N TYR A 231 5.59 13.86 15.33
CA TYR A 231 4.55 14.86 15.27
C TYR A 231 5.14 16.28 15.17
N LEU A 232 6.15 16.58 15.99
CA LEU A 232 6.68 17.93 16.03
C LEU A 232 7.20 18.30 14.65
N PHE A 233 7.89 17.37 14.00
CA PHE A 233 8.41 17.65 12.69
C PHE A 233 7.29 17.84 11.65
N LEU A 234 6.27 16.99 11.71
CA LEU A 234 5.17 17.10 10.76
C LEU A 234 4.35 18.34 11.03
N ALA A 235 4.36 18.80 12.27
CA ALA A 235 3.60 19.99 12.67
C ALA A 235 4.32 21.30 12.29
N SER A 236 5.55 21.17 11.83
CA SER A 236 6.31 22.37 11.53
C SER A 236 5.69 23.22 10.43
N GLU A 237 5.84 24.53 10.61
CA GLU A 237 5.45 25.47 9.61
C GLU A 237 6.28 25.23 8.32
N GLU A 238 7.47 24.64 8.47
CA GLU A 238 8.27 24.30 7.31
C GLU A 238 7.93 22.92 6.72
N SER A 239 6.88 22.28 7.22
CA SER A 239 6.51 20.96 6.71
C SER A 239 5.21 21.00 5.90
N GLY A 240 4.95 22.15 5.28
CA GLY A 240 3.72 22.39 4.54
C GLY A 240 3.52 21.62 3.23
N PHE A 241 4.57 20.96 2.70
CA PHE A 241 4.41 20.11 1.51
C PHE A 241 4.24 18.63 1.82
N ILE A 242 4.18 18.29 3.10
CA ILE A 242 3.81 16.95 3.55
C ILE A 242 2.32 16.92 3.90
N SER A 243 1.52 16.13 3.20
CA SER A 243 0.10 16.00 3.51
C SER A 243 -0.44 14.72 2.89
N GLY A 244 -1.50 14.19 3.47
CA GLY A 244 -2.10 12.98 2.96
C GLY A 244 -1.25 11.76 3.22
N THR A 245 -0.17 11.89 4.00
CA THR A 245 0.69 10.72 4.24
C THR A 245 0.61 10.08 5.63
N THR A 246 1.14 8.85 5.68
CA THR A 246 1.24 8.04 6.88
C THR A 246 2.71 7.80 7.19
N LEU A 247 3.21 8.42 8.26
CA LEU A 247 4.60 8.26 8.66
C LEU A 247 4.75 7.09 9.64
N SER A 248 5.50 6.07 9.25
CA SER A 248 5.71 4.91 10.09
C SER A 248 6.90 5.12 11.02
N VAL A 249 6.71 4.87 12.31
CA VAL A 249 7.80 4.93 13.29
C VAL A 249 7.78 3.64 14.10
N ASP A 250 8.29 2.57 13.47
CA ASP A 250 8.11 1.20 13.95
C ASP A 250 9.42 0.46 14.08
N GLY A 251 10.54 1.17 13.90
CA GLY A 251 11.85 0.56 14.04
C GLY A 251 12.08 -0.52 13.01
N GLY A 252 11.27 -0.48 11.95
CA GLY A 252 11.37 -1.42 10.85
C GLY A 252 10.56 -2.68 11.03
N MET A 253 9.76 -2.72 12.09
CA MET A 253 9.02 -3.91 12.44
C MET A 253 7.86 -4.08 11.46
N VAL A 254 7.76 -5.26 10.87
CA VAL A 254 6.57 -5.62 10.08
C VAL A 254 5.84 -6.74 10.81
N VAL A 255 4.55 -6.55 11.06
CA VAL A 255 3.76 -7.53 11.76
C VAL A 255 3.49 -8.74 10.87
N GLY A 256 4.38 -9.72 10.89
CA GLY A 256 4.19 -10.96 10.17
C GLY A 256 2.96 -11.73 10.62
N SER A 257 2.51 -12.67 9.77
CA SER A 257 1.43 -13.59 10.11
C SER A 257 1.98 -14.82 10.81
N LYS B 5 31.81 16.54 13.69
CA LYS B 5 30.99 16.48 12.46
C LYS B 5 30.80 15.08 11.86
N ARG B 6 29.55 14.62 11.85
CA ARG B 6 29.18 13.45 11.06
C ARG B 6 29.35 13.76 9.58
N VAL B 7 29.75 12.76 8.81
CA VAL B 7 30.00 12.88 7.37
C VAL B 7 28.77 12.41 6.58
N ALA B 8 28.31 13.21 5.61
CA ALA B 8 27.19 12.78 4.78
C ALA B 8 27.49 12.87 3.28
N ILE B 9 27.32 11.74 2.60
CA ILE B 9 27.46 11.65 1.16
C ILE B 9 26.11 11.91 0.53
N ILE B 10 26.05 12.88 -0.36
CA ILE B 10 24.83 13.16 -1.08
C ILE B 10 25.15 13.05 -2.54
N THR B 11 24.58 12.05 -3.21
CA THR B 11 24.77 11.84 -4.66
C THR B 11 23.75 12.68 -5.46
N GLY B 12 24.09 13.08 -6.66
CA GLY B 12 23.26 14.02 -7.42
C GLY B 12 23.19 15.42 -6.81
N ALA B 13 24.22 15.77 -6.03
CA ALA B 13 24.21 16.97 -5.22
C ALA B 13 24.34 18.30 -5.97
N ALA B 14 24.76 18.23 -7.22
CA ALA B 14 25.17 19.44 -7.94
C ALA B 14 23.98 20.28 -8.39
N ASN B 15 22.81 19.66 -8.48
CA ASN B 15 21.59 20.31 -8.96
C ASN B 15 20.40 19.94 -8.08
N GLY B 16 19.34 20.74 -8.21
CA GLY B 16 18.02 20.38 -7.74
C GLY B 16 17.90 20.00 -6.28
N ILE B 17 17.24 18.85 -6.03
CA ILE B 17 16.98 18.40 -4.66
C ILE B 17 18.31 18.10 -3.92
N GLY B 18 19.27 17.50 -4.61
CA GLY B 18 20.56 17.20 -4.00
C GLY B 18 21.33 18.47 -3.62
N ARG B 19 21.21 19.51 -4.44
CA ARG B 19 21.84 20.79 -4.13
C ARG B 19 21.26 21.34 -2.83
N ALA B 20 19.94 21.32 -2.74
CA ALA B 20 19.26 21.80 -1.53
C ALA B 20 19.65 20.94 -0.32
N THR B 21 19.70 19.64 -0.52
CA THR B 21 20.02 18.68 0.54
C THR B 21 21.42 18.91 1.06
N ALA B 22 22.34 19.07 0.14
CA ALA B 22 23.73 19.33 0.45
C ALA B 22 23.88 20.56 1.30
N LEU B 23 23.23 21.65 0.86
CA LEU B 23 23.24 22.91 1.61
C LEU B 23 22.66 22.79 3.02
N GLU B 24 21.54 22.09 3.14
CA GLU B 24 20.84 21.92 4.41
C GLU B 24 21.70 21.09 5.37
N PHE B 25 22.32 20.03 4.85
CA PHE B 25 23.10 19.18 5.76
C PHE B 25 24.32 19.95 6.29
N ALA B 26 24.97 20.73 5.43
CA ALA B 26 26.12 21.59 5.82
C ALA B 26 25.78 22.62 6.87
N GLN B 27 24.63 23.27 6.71
CA GLN B 27 24.15 24.30 7.66
C GLN B 27 23.80 23.66 9.00
N ALA B 28 23.48 22.36 8.95
CA ALA B 28 23.16 21.58 10.14
C ALA B 28 24.43 21.05 10.83
N GLY B 29 25.57 21.24 10.18
CA GLY B 29 26.85 20.89 10.77
C GLY B 29 27.49 19.60 10.28
N TYR B 30 26.79 18.91 9.39
CA TYR B 30 27.39 17.77 8.72
C TYR B 30 28.58 18.24 7.90
N HIS B 31 29.64 17.43 7.82
CA HIS B 31 30.59 17.59 6.74
C HIS B 31 30.05 16.89 5.49
N VAL B 32 29.75 17.66 4.44
CA VAL B 32 29.08 17.07 3.26
C VAL B 32 30.08 16.60 2.22
N VAL B 33 29.97 15.36 1.77
CA VAL B 33 30.74 14.92 0.62
C VAL B 33 29.77 14.88 -0.55
N ALA B 34 29.99 15.73 -1.55
CA ALA B 34 29.05 15.88 -2.66
C ALA B 34 29.53 15.08 -3.86
N TRP B 35 28.65 14.18 -4.35
CA TRP B 35 28.89 13.39 -5.57
C TRP B 35 28.02 13.79 -6.75
N ASP B 36 28.62 13.90 -7.93
CA ASP B 36 27.86 14.19 -9.16
C ASP B 36 28.78 14.00 -10.36
N LEU B 37 28.20 13.92 -11.56
CA LEU B 37 28.97 13.92 -12.80
C LEU B 37 29.30 15.34 -13.23
N ALA B 38 28.47 16.29 -12.76
CA ALA B 38 28.53 17.70 -13.20
C ALA B 38 29.56 18.51 -12.43
N GLU B 39 30.76 18.65 -12.99
CA GLU B 39 31.87 19.18 -12.22
C GLU B 39 31.75 20.67 -11.98
N GLU B 40 31.27 21.43 -12.96
CA GLU B 40 31.13 22.87 -12.79
C GLU B 40 30.08 23.18 -11.75
N ALA B 41 28.92 22.55 -11.89
CA ALA B 41 27.86 22.69 -10.90
C ALA B 41 28.35 22.23 -9.53
N GLY B 42 29.17 21.17 -9.51
CA GLY B 42 29.79 20.68 -8.28
C GLY B 42 30.59 21.77 -7.57
N ALA B 43 31.45 22.45 -8.32
CA ALA B 43 32.33 23.43 -7.71
C ALA B 43 31.50 24.60 -7.21
N ALA B 44 30.51 24.99 -8.00
CA ALA B 44 29.55 26.01 -7.65
C ALA B 44 28.84 25.75 -6.32
N LEU B 45 28.48 24.49 -6.09
CA LEU B 45 27.86 24.05 -4.84
C LEU B 45 28.78 24.27 -3.66
N ILE B 46 30.03 23.84 -3.83
CA ILE B 46 31.06 24.04 -2.82
C ILE B 46 31.23 25.53 -2.51
N ALA B 47 31.23 26.38 -3.54
CA ALA B 47 31.31 27.84 -3.36
C ALA B 47 30.14 28.35 -2.54
N GLU B 48 28.99 27.79 -2.81
CA GLU B 48 27.78 28.16 -2.07
C GLU B 48 27.88 27.73 -0.60
N ILE B 49 28.31 26.50 -0.36
CA ILE B 49 28.47 26.06 1.03
C ILE B 49 29.59 26.83 1.75
N ALA B 50 30.70 27.16 1.09
CA ALA B 50 31.75 27.93 1.74
C ALA B 50 31.25 29.32 2.11
N ASP B 51 30.43 29.90 1.23
CA ASP B 51 29.87 31.22 1.52
C ASP B 51 29.00 31.14 2.75
N ALA B 52 28.32 30.02 2.94
CA ALA B 52 27.47 29.86 4.14
C ALA B 52 28.27 29.27 5.32
N GLY B 53 29.59 29.19 5.19
CA GLY B 53 30.46 28.77 6.29
C GLY B 53 30.43 27.29 6.66
N GLY B 54 30.09 26.46 5.68
CA GLY B 54 29.97 25.05 5.94
C GLY B 54 31.19 24.31 5.53
N SER B 55 31.14 22.99 5.74
CA SER B 55 32.27 22.13 5.51
C SER B 55 31.82 21.09 4.51
N ALA B 56 32.51 20.98 3.39
CA ALA B 56 32.12 20.02 2.35
C ALA B 56 33.22 19.85 1.30
N ASP B 57 33.26 18.63 0.74
CA ASP B 57 34.09 18.26 -0.42
C ASP B 57 33.16 17.96 -1.64
N PHE B 58 33.66 18.21 -2.85
CA PHE B 58 33.04 17.69 -4.07
C PHE B 58 33.95 16.67 -4.76
N ALA B 59 33.34 15.62 -5.31
CA ALA B 59 34.03 14.56 -6.03
C ALA B 59 33.23 14.14 -7.27
N ARG B 60 33.89 13.99 -8.41
CA ARG B 60 33.22 13.50 -9.60
C ARG B 60 33.09 11.99 -9.53
N VAL B 61 31.86 11.50 -9.31
CA VAL B 61 31.55 10.06 -9.18
C VAL B 61 30.31 9.66 -9.99
N ASP B 62 30.44 8.60 -10.79
CA ASP B 62 29.33 7.98 -11.50
C ASP B 62 28.70 6.89 -10.63
N VAL B 63 27.49 7.12 -10.10
CA VAL B 63 26.93 6.20 -9.13
C VAL B 63 26.74 4.79 -9.73
N SER B 64 26.71 4.69 -11.06
CA SER B 64 26.43 3.42 -11.73
C SER B 64 27.68 2.63 -12.11
N ALA B 65 28.84 3.20 -11.75
CA ALA B 65 30.14 2.60 -12.00
C ALA B 65 30.75 2.10 -10.68
N ALA B 66 30.82 0.78 -10.52
CA ALA B 66 31.23 0.18 -9.27
C ALA B 66 32.62 0.65 -8.84
N GLU B 67 33.56 0.65 -9.78
CA GLU B 67 34.94 1.06 -9.51
C GLU B 67 35.06 2.54 -9.09
N SER B 68 34.31 3.40 -9.76
CA SER B 68 34.23 4.80 -9.39
C SER B 68 33.71 4.98 -7.94
N VAL B 69 32.60 4.33 -7.62
CA VAL B 69 31.98 4.43 -6.29
C VAL B 69 32.89 3.87 -5.16
N GLU B 70 33.51 2.71 -5.40
CA GLU B 70 34.40 2.10 -4.42
C GLU B 70 35.62 2.98 -4.14
N ALA B 71 36.19 3.57 -5.18
CA ALA B 71 37.33 4.42 -5.00
C ALA B 71 36.92 5.65 -4.17
N ALA B 72 35.74 6.17 -4.46
CA ALA B 72 35.24 7.37 -3.78
C ALA B 72 35.04 7.14 -2.28
N VAL B 73 34.50 5.99 -1.88
CA VAL B 73 34.26 5.70 -0.47
C VAL B 73 35.59 5.51 0.28
N ALA B 74 36.57 4.91 -0.39
CA ALA B 74 37.83 4.65 0.26
C ALA B 74 38.50 5.96 0.55
N GLU B 75 38.35 6.92 -0.35
CA GLU B 75 39.03 8.18 -0.11
C GLU B 75 38.37 8.92 1.04
N ILE B 76 37.05 8.83 1.15
CA ILE B 76 36.36 9.50 2.26
C ILE B 76 36.84 8.92 3.58
N ILE B 77 36.78 7.59 3.69
CA ILE B 77 37.23 6.90 4.92
C ILE B 77 38.72 7.22 5.21
N ALA B 78 39.57 7.26 4.22
CA ALA B 78 40.97 7.56 4.53
C ALA B 78 41.12 9.00 5.06
N GLU B 79 40.31 9.92 4.56
CA GLU B 79 40.41 11.31 4.95
C GLU B 79 39.68 11.62 6.26
N HIS B 80 38.47 11.08 6.41
CA HIS B 80 37.58 11.45 7.52
C HIS B 80 37.24 10.29 8.46
N GLY B 81 37.50 9.06 8.03
CA GLY B 81 37.38 7.93 8.94
C GLY B 81 35.98 7.40 9.21
N ARG B 82 34.96 8.02 8.60
CA ARG B 82 33.56 7.65 8.87
C ARG B 82 32.61 8.05 7.72
N VAL B 83 31.57 7.27 7.49
CA VAL B 83 30.41 7.71 6.70
C VAL B 83 29.21 7.55 7.59
N ASP B 84 28.57 8.65 7.95
CA ASP B 84 27.41 8.55 8.82
C ASP B 84 26.12 8.40 8.01
N VAL B 85 26.06 9.09 6.88
CA VAL B 85 24.84 9.19 6.07
C VAL B 85 25.17 9.05 4.61
N LEU B 86 24.29 8.33 3.90
CA LEU B 86 24.26 8.31 2.46
C LEU B 86 22.85 8.69 1.96
N VAL B 87 22.78 9.71 1.13
CA VAL B 87 21.54 10.07 0.46
C VAL B 87 21.69 9.71 -1.03
N ASN B 88 20.96 8.68 -1.46
CA ASN B 88 20.98 8.24 -2.86
C ASN B 88 19.93 8.97 -3.67
N ASN B 89 20.36 10.11 -4.20
CA ASN B 89 19.47 11.07 -4.82
C ASN B 89 19.74 11.23 -6.30
N ALA B 90 20.93 10.85 -6.77
CA ALA B 90 21.27 10.97 -8.19
C ALA B 90 20.21 10.28 -9.04
N GLY B 91 19.77 10.95 -10.11
CA GLY B 91 18.77 10.40 -11.00
C GLY B 91 18.78 10.96 -12.41
N ILE B 92 18.11 10.25 -13.31
CA ILE B 92 17.87 10.74 -14.65
C ILE B 92 16.50 10.30 -15.18
N LEU B 93 15.98 11.05 -16.14
CA LEU B 93 14.72 10.70 -16.81
C LEU B 93 14.92 10.56 -18.31
N HIS B 94 14.18 9.62 -18.89
CA HIS B 94 14.02 9.50 -20.34
C HIS B 94 12.63 8.90 -20.58
N ASP B 95 11.59 9.72 -20.51
CA ASP B 95 10.22 9.25 -20.59
C ASP B 95 9.86 8.79 -21.99
N GLY B 96 8.74 8.09 -22.10
CA GLY B 96 8.17 7.77 -23.39
C GLY B 96 7.24 6.60 -23.22
N GLN B 97 6.24 6.51 -24.07
CA GLN B 97 5.36 5.36 -24.03
C GLN B 97 6.12 4.04 -24.33
N LEU B 98 5.65 2.94 -23.75
CA LEU B 98 6.15 1.64 -24.13
C LEU B 98 6.10 1.51 -25.64
N VAL B 99 4.91 1.75 -26.19
CA VAL B 99 4.73 1.86 -27.62
C VAL B 99 3.77 3.01 -27.91
N LYS B 100 4.16 3.86 -28.84
CA LYS B 100 3.32 4.98 -29.27
C LYS B 100 2.78 4.65 -30.64
N VAL B 101 1.46 4.62 -30.77
CA VAL B 101 0.83 4.21 -32.02
C VAL B 101 -0.06 5.30 -32.57
N LYS B 102 0.03 5.51 -33.89
CA LYS B 102 -0.93 6.32 -34.64
C LYS B 102 -1.00 5.78 -36.05
N GLY B 103 -2.22 5.71 -36.58
CA GLY B 103 -2.46 5.32 -37.96
C GLY B 103 -2.05 3.89 -38.34
N GLY B 104 -2.26 2.95 -37.43
CA GLY B 104 -2.08 1.55 -37.75
C GLY B 104 -0.67 1.04 -37.58
N GLU B 105 0.16 1.80 -36.87
CA GLU B 105 1.51 1.34 -36.60
C GLU B 105 2.21 2.23 -35.58
N VAL B 106 3.35 1.71 -35.11
CA VAL B 106 4.14 2.32 -34.07
C VAL B 106 5.05 3.42 -34.60
N VAL B 107 4.73 4.63 -34.17
CA VAL B 107 5.46 5.82 -34.54
C VAL B 107 6.67 6.05 -33.63
N LYS B 108 6.70 5.32 -32.51
CA LYS B 108 7.81 5.38 -31.57
C LYS B 108 7.61 4.37 -30.43
N LYS B 109 8.71 3.96 -29.81
CA LYS B 109 8.63 3.11 -28.62
C LYS B 109 9.85 3.32 -27.71
N MET B 110 9.71 2.91 -26.47
CA MET B 110 10.78 3.20 -25.51
C MET B 110 12.03 2.39 -25.91
N ALA B 111 13.08 3.10 -26.28
CA ALA B 111 14.34 2.47 -26.68
C ALA B 111 14.95 1.63 -25.54
N GLU B 112 15.38 0.41 -25.87
CA GLU B 112 16.04 -0.45 -24.90
C GLU B 112 17.13 0.26 -24.07
N ALA B 113 17.93 1.09 -24.74
CA ALA B 113 18.94 1.89 -24.08
C ALA B 113 18.35 2.88 -23.09
N GLN B 114 17.18 3.45 -23.40
CA GLN B 114 16.57 4.49 -22.56
C GLN B 114 16.12 3.84 -21.29
N PHE B 115 15.60 2.63 -21.43
CA PHE B 115 15.20 1.80 -20.30
C PHE B 115 16.41 1.49 -19.44
N ASP B 116 17.46 0.96 -20.07
CA ASP B 116 18.60 0.46 -19.34
C ASP B 116 19.27 1.62 -18.61
N ALA B 117 19.37 2.76 -19.29
CA ALA B 117 20.05 3.92 -18.72
C ALA B 117 19.41 4.36 -17.41
N VAL B 118 18.08 4.52 -17.42
CA VAL B 118 17.34 4.96 -16.23
C VAL B 118 17.43 3.95 -15.09
N ILE B 119 17.36 2.65 -15.41
CA ILE B 119 17.56 1.61 -14.40
C ILE B 119 18.97 1.61 -13.83
N SER B 120 19.96 1.82 -14.69
CA SER B 120 21.35 1.84 -14.26
C SER B 120 21.62 2.92 -13.21
N VAL B 121 21.11 4.12 -13.43
CA VAL B 121 21.37 5.23 -12.51
C VAL B 121 20.48 5.14 -11.28
N ASN B 122 19.18 5.00 -11.53
CA ASN B 122 18.17 5.16 -10.48
C ASN B 122 17.93 3.96 -9.62
N LEU B 123 18.28 2.77 -10.12
CA LEU B 123 18.15 1.54 -9.33
C LEU B 123 19.52 0.98 -8.97
N LYS B 124 20.35 0.72 -9.98
CA LYS B 124 21.60 0.06 -9.72
C LYS B 124 22.57 0.99 -8.95
N GLY B 125 22.46 2.29 -9.19
CA GLY B 125 23.25 3.27 -8.49
C GLY B 125 23.04 3.24 -7.00
N VAL B 126 21.78 3.10 -6.60
CA VAL B 126 21.40 3.01 -5.20
C VAL B 126 22.05 1.77 -4.58
N PHE B 127 22.02 0.65 -5.30
CA PHE B 127 22.56 -0.60 -4.80
C PHE B 127 24.08 -0.49 -4.62
N LEU B 128 24.76 0.10 -5.60
CA LEU B 128 26.21 0.16 -5.55
C LEU B 128 26.65 1.04 -4.40
N CYS B 129 26.03 2.20 -4.25
CA CYS B 129 26.53 3.18 -3.28
C CYS B 129 26.34 2.65 -1.86
N THR B 130 25.15 2.10 -1.62
CA THR B 130 24.77 1.54 -0.32
C THR B 130 25.70 0.39 0.01
N GLN B 131 25.93 -0.49 -0.95
CA GLN B 131 26.78 -1.65 -0.72
C GLN B 131 28.20 -1.21 -0.34
N ALA B 132 28.61 -0.08 -0.90
CA ALA B 132 29.96 0.40 -0.69
C ALA B 132 30.15 1.06 0.69
N VAL B 133 29.13 1.79 1.17
CA VAL B 133 29.26 2.49 2.46
C VAL B 133 28.92 1.56 3.62
N ALA B 134 28.16 0.51 3.37
CA ALA B 134 27.57 -0.31 4.45
C ALA B 134 28.59 -0.92 5.40
N PRO B 135 29.73 -1.38 4.85
CA PRO B 135 30.61 -2.08 5.77
C PRO B 135 31.19 -1.15 6.85
N HIS B 136 31.36 0.11 6.47
CA HIS B 136 31.87 1.13 7.38
C HIS B 136 30.84 1.47 8.44
N MET B 137 29.59 1.58 8.02
CA MET B 137 28.47 1.81 8.93
C MET B 137 28.32 0.67 9.92
N ILE B 138 28.44 -0.56 9.42
CA ILE B 138 28.40 -1.73 10.30
C ILE B 138 29.52 -1.67 11.33
N ALA B 139 30.76 -1.48 10.90
CA ALA B 139 31.90 -1.42 11.83
C ALA B 139 31.70 -0.30 12.87
N ALA B 140 30.97 0.76 12.50
CA ALA B 140 30.77 1.91 13.39
C ALA B 140 29.53 1.75 14.26
N LYS B 141 28.71 0.75 13.92
CA LYS B 141 27.47 0.50 14.64
C LYS B 141 26.54 1.69 14.49
N TYR B 142 26.59 2.31 13.32
CA TYR B 142 25.74 3.45 13.01
C TYR B 142 25.70 3.79 11.53
N GLY B 143 24.52 4.20 11.08
CA GLY B 143 24.40 4.77 9.75
C GLY B 143 22.95 5.08 9.41
N ARG B 144 22.81 5.83 8.32
CA ARG B 144 21.55 6.32 7.84
C ARG B 144 21.59 6.17 6.32
N ILE B 145 20.70 5.34 5.77
CA ILE B 145 20.59 5.07 4.33
C ILE B 145 19.30 5.70 3.86
N LEU B 146 19.39 6.65 2.92
CA LEU B 146 18.24 7.42 2.48
C LEU B 146 18.17 7.43 0.96
N ASN B 147 17.07 6.91 0.43
CA ASN B 147 16.91 6.61 -0.98
C ASN B 147 15.77 7.44 -1.63
N ALA B 148 16.11 8.04 -2.75
CA ALA B 148 15.15 8.82 -3.52
C ALA B 148 14.22 7.92 -4.28
N SER B 149 12.96 7.87 -3.87
CA SER B 149 11.91 7.27 -4.68
C SER B 149 11.09 8.42 -5.33
N SER B 150 9.80 8.18 -5.54
CA SER B 150 8.92 9.18 -6.17
C SER B 150 7.45 8.83 -5.98
N VAL B 151 6.59 9.85 -5.95
CA VAL B 151 5.14 9.66 -5.83
C VAL B 151 4.67 8.72 -6.92
N VAL B 152 5.43 8.74 -8.01
CA VAL B 152 5.14 8.04 -9.23
C VAL B 152 5.47 6.52 -9.05
N GLY B 153 6.30 6.25 -8.06
CA GLY B 153 6.62 4.88 -7.69
C GLY B 153 5.47 4.26 -6.95
N LEU B 154 4.56 5.08 -6.42
CA LEU B 154 3.40 4.56 -5.70
C LEU B 154 2.22 4.26 -6.64
N TYR B 155 1.95 5.17 -7.57
CA TYR B 155 0.75 5.08 -8.39
C TYR B 155 0.99 4.75 -9.87
N GLY B 156 2.24 4.76 -10.29
CA GLY B 156 2.51 4.72 -11.71
C GLY B 156 2.21 6.07 -12.35
N ASN B 157 2.57 6.20 -13.62
CA ASN B 157 2.36 7.44 -14.36
C ASN B 157 2.55 7.14 -15.82
N PHE B 158 1.73 7.78 -16.65
CA PHE B 158 1.81 7.68 -18.07
C PHE B 158 3.21 8.04 -18.57
N GLY B 159 3.76 7.24 -19.48
CA GLY B 159 5.02 7.54 -20.14
C GLY B 159 6.28 7.28 -19.32
N GLN B 160 6.13 6.64 -18.15
CA GLN B 160 7.25 6.47 -17.24
C GLN B 160 7.54 5.02 -16.82
N THR B 161 7.45 4.09 -17.78
CA THR B 161 7.83 2.69 -17.55
C THR B 161 9.17 2.54 -16.78
N ASN B 162 10.24 3.09 -17.35
CA ASN B 162 11.57 2.89 -16.84
C ASN B 162 11.76 3.57 -15.48
N TYR B 163 11.29 4.81 -15.40
CA TYR B 163 11.43 5.61 -14.20
C TYR B 163 10.59 5.06 -13.04
N VAL B 164 9.35 4.65 -13.34
CA VAL B 164 8.52 4.01 -12.32
C VAL B 164 9.12 2.66 -11.86
N ALA B 165 9.64 1.87 -12.80
CA ALA B 165 10.25 0.59 -12.44
C ALA B 165 11.36 0.82 -11.40
N ALA B 166 12.16 1.87 -11.64
CA ALA B 166 13.29 2.17 -10.79
C ALA B 166 12.86 2.67 -9.44
N LYS B 167 11.89 3.53 -9.43
CA LYS B 167 11.60 4.16 -8.22
C LYS B 167 10.72 3.25 -7.29
N SER B 168 9.88 2.40 -7.85
CA SER B 168 9.19 1.38 -7.06
C SER B 168 10.21 0.34 -6.59
N GLY B 169 11.14 0.00 -7.48
CA GLY B 169 12.23 -0.90 -7.13
C GLY B 169 13.11 -0.41 -5.96
N VAL B 170 13.17 0.90 -5.76
CA VAL B 170 14.06 1.49 -4.78
C VAL B 170 13.40 1.34 -3.44
N ILE B 171 12.07 1.42 -3.42
CA ILE B 171 11.33 1.18 -2.19
C ILE B 171 11.53 -0.30 -1.76
N GLY B 172 11.51 -1.21 -2.73
CA GLY B 172 11.74 -2.62 -2.42
C GLY B 172 13.12 -2.89 -1.82
N MET B 173 14.14 -2.26 -2.38
CA MET B 173 15.48 -2.47 -1.86
C MET B 173 15.58 -1.87 -0.47
N THR B 174 14.84 -0.77 -0.23
CA THR B 174 14.82 -0.09 1.05
C THR B 174 14.25 -1.02 2.14
N LYS B 175 13.21 -1.78 1.79
CA LYS B 175 12.62 -2.75 2.72
C LYS B 175 13.60 -3.88 3.03
N VAL B 176 14.31 -4.38 2.01
CA VAL B 176 15.32 -5.40 2.27
C VAL B 176 16.43 -4.90 3.23
N TRP B 177 16.97 -3.73 2.93
CA TRP B 177 18.15 -3.27 3.64
C TRP B 177 17.79 -2.88 5.05
N ALA B 178 16.57 -2.38 5.23
CA ALA B 178 16.00 -2.19 6.57
C ALA B 178 16.19 -3.43 7.41
N ARG B 179 15.80 -4.57 6.84
CA ARG B 179 15.81 -5.86 7.55
C ARG B 179 17.20 -6.37 7.83
N GLU B 180 18.09 -6.19 6.87
CA GLU B 180 19.46 -6.69 6.95
C GLU B 180 20.35 -5.85 7.87
N LEU B 181 20.09 -4.56 7.96
CA LEU B 181 21.09 -3.66 8.57
C LEU B 181 20.67 -3.05 9.91
N GLY B 182 19.43 -3.29 10.30
CA GLY B 182 18.91 -2.77 11.55
C GLY B 182 19.75 -3.17 12.75
N ARG B 183 20.06 -4.46 12.80
CA ARG B 183 20.79 -5.03 13.94
C ARG B 183 22.20 -4.47 14.12
N TYR B 184 22.62 -3.60 13.22
CA TYR B 184 23.92 -2.96 13.27
C TYR B 184 23.84 -1.45 13.49
N GLY B 185 22.70 -0.95 13.94
CA GLY B 185 22.54 0.46 14.20
C GLY B 185 22.30 1.30 12.95
N ILE B 186 21.91 0.63 11.86
CA ILE B 186 21.66 1.34 10.61
C ILE B 186 20.17 1.35 10.24
N THR B 187 19.64 2.52 9.91
CA THR B 187 18.28 2.63 9.42
C THR B 187 18.31 2.90 7.94
N VAL B 188 17.25 2.48 7.25
CA VAL B 188 17.16 2.55 5.81
C VAL B 188 15.76 3.02 5.47
N ASN B 189 15.67 4.22 4.88
CA ASN B 189 14.38 4.78 4.52
C ASN B 189 14.40 5.33 3.11
N ALA B 190 13.20 5.49 2.54
CA ALA B 190 13.05 6.21 1.26
C ALA B 190 12.21 7.47 1.42
N ILE B 191 12.44 8.43 0.52
CA ILE B 191 11.55 9.58 0.39
C ILE B 191 10.91 9.54 -0.99
N ALA B 192 9.62 9.87 -1.06
CA ALA B 192 8.87 9.89 -2.32
C ALA B 192 8.30 11.29 -2.61
N PRO B 193 9.09 12.14 -3.28
CA PRO B 193 8.67 13.51 -3.60
C PRO B 193 7.56 13.55 -4.63
N GLY B 194 6.74 14.59 -4.58
CA GLY B 194 5.77 14.81 -5.63
C GLY B 194 6.40 15.61 -6.76
N PHE B 195 5.63 16.57 -7.26
CA PHE B 195 6.12 17.55 -8.23
C PHE B 195 6.99 18.58 -7.50
N ILE B 196 8.24 18.68 -7.91
CA ILE B 196 9.19 19.59 -7.27
C ILE B 196 9.79 20.48 -8.32
N ALA B 197 9.87 21.77 -7.98
CA ALA B 197 10.42 22.75 -8.88
C ALA B 197 11.93 22.62 -9.06
N THR B 198 12.35 21.53 -9.69
CA THR B 198 13.70 21.45 -10.21
C THR B 198 13.62 21.85 -11.67
N GLU B 199 14.73 21.79 -12.39
CA GLU B 199 14.78 22.41 -13.70
C GLU B 199 13.75 21.83 -14.70
N MET B 200 13.55 20.51 -14.70
CA MET B 200 12.63 19.87 -15.65
C MET B 200 11.21 20.43 -15.50
N VAL B 201 10.75 20.52 -14.26
CA VAL B 201 9.41 20.99 -13.97
C VAL B 201 9.31 22.48 -14.29
N GLN B 202 10.34 23.25 -13.93
CA GLN B 202 10.29 24.69 -14.19
C GLN B 202 10.27 25.05 -15.68
N GLN B 203 10.57 24.08 -16.54
CA GLN B 203 10.59 24.28 -17.99
C GLN B 203 9.27 23.86 -18.64
N MET B 204 8.36 23.31 -17.86
CA MET B 204 7.12 22.77 -18.40
C MET B 204 6.25 23.92 -18.92
N PRO B 205 5.38 23.63 -19.92
CA PRO B 205 4.54 24.72 -20.43
C PRO B 205 3.58 25.29 -19.37
N GLU B 206 3.19 26.54 -19.56
CA GLU B 206 2.31 27.22 -18.61
C GLU B 206 1.03 26.43 -18.26
N ARG B 207 0.33 25.87 -19.25
CA ARG B 207 -0.94 25.17 -19.00
C ARG B 207 -0.74 23.91 -18.16
N VAL B 208 0.38 23.24 -18.39
CA VAL B 208 0.70 22.00 -17.69
C VAL B 208 1.04 22.25 -16.20
N LEU B 209 1.89 23.25 -15.94
CA LEU B 209 2.20 23.66 -14.57
C LEU B 209 0.96 24.02 -13.78
N GLU B 210 0.09 24.86 -14.32
CA GLU B 210 -1.01 25.33 -13.49
C GLU B 210 -2.02 24.20 -13.27
N ALA B 211 -2.08 23.24 -14.17
CA ALA B 211 -2.91 22.07 -13.93
C ALA B 211 -2.26 21.22 -12.84
N MET B 212 -0.94 21.10 -12.85
CA MET B 212 -0.21 20.37 -11.81
C MET B 212 -0.43 20.96 -10.40
N VAL B 213 -0.36 22.31 -10.27
CA VAL B 213 -0.77 22.99 -9.05
C VAL B 213 -2.23 22.67 -8.70
N ALA B 214 -3.16 22.84 -9.67
CA ALA B 214 -4.58 22.58 -9.42
C ALA B 214 -4.84 21.15 -8.90
N ARG B 215 -3.99 20.22 -9.25
CA ARG B 215 -4.15 18.83 -8.86
C ARG B 215 -3.51 18.50 -7.48
N THR B 216 -2.93 19.52 -6.88
CA THR B 216 -2.16 19.37 -5.65
C THR B 216 -2.89 20.07 -4.50
N PRO B 217 -3.39 19.29 -3.51
CA PRO B 217 -4.23 19.85 -2.46
C PRO B 217 -3.62 21.08 -1.79
N VAL B 218 -2.37 21.03 -1.38
CA VAL B 218 -1.78 22.20 -0.69
C VAL B 218 -1.64 23.45 -1.56
N GLY B 219 -1.65 23.28 -2.89
CA GLY B 219 -1.81 24.42 -3.79
C GLY B 219 -0.55 24.98 -4.41
N ARG B 220 0.48 24.15 -4.57
CA ARG B 220 1.74 24.61 -5.15
C ARG B 220 2.58 23.47 -5.62
N ILE B 221 3.55 23.81 -6.46
CA ILE B 221 4.63 22.89 -6.77
C ILE B 221 5.56 22.95 -5.56
N GLY B 222 6.14 21.83 -5.18
CA GLY B 222 7.03 21.77 -4.03
C GLY B 222 8.40 22.35 -4.35
N ASP B 223 9.15 22.67 -3.31
CA ASP B 223 10.47 23.23 -3.45
C ASP B 223 11.47 22.17 -3.05
N PRO B 224 12.64 22.17 -3.69
CA PRO B 224 13.73 21.26 -3.31
C PRO B 224 13.98 21.25 -1.79
N VAL B 225 13.91 22.43 -1.20
CA VAL B 225 14.01 22.63 0.25
C VAL B 225 13.10 21.74 1.10
N ASP B 226 11.88 21.51 0.62
CA ASP B 226 10.91 20.63 1.30
C ASP B 226 11.48 19.22 1.49
N ILE B 227 12.17 18.74 0.46
CA ILE B 227 12.68 17.40 0.45
C ILE B 227 13.96 17.41 1.30
N ALA B 228 14.83 18.38 1.05
CA ALA B 228 16.08 18.50 1.83
C ALA B 228 15.82 18.44 3.33
N ARG B 229 14.83 19.20 3.77
CA ARG B 229 14.44 19.15 5.17
C ARG B 229 13.95 17.79 5.61
N ALA B 230 13.22 17.09 4.73
CA ALA B 230 12.78 15.73 5.01
C ALA B 230 13.95 14.75 5.14
N TYR B 231 14.94 14.84 4.28
CA TYR B 231 16.12 13.99 4.38
C TYR B 231 16.86 14.27 5.71
N LEU B 232 17.03 15.55 6.03
CA LEU B 232 17.70 15.95 7.27
C LEU B 232 17.01 15.36 8.51
N PHE B 233 15.68 15.44 8.55
CA PHE B 233 14.90 14.83 9.65
C PHE B 233 15.18 13.32 9.73
N LEU B 234 15.06 12.61 8.61
CA LEU B 234 15.22 11.14 8.64
C LEU B 234 16.62 10.73 9.05
N ALA B 235 17.61 11.58 8.75
CA ALA B 235 19.03 11.29 9.03
C ALA B 235 19.44 11.53 10.47
N SER B 236 18.58 12.20 11.23
CA SER B 236 18.89 12.57 12.60
C SER B 236 19.29 11.36 13.44
N GLU B 237 20.23 11.57 14.37
CA GLU B 237 20.62 10.53 15.30
C GLU B 237 19.47 10.23 16.23
N GLU B 238 18.46 11.11 16.22
CA GLU B 238 17.24 10.92 16.98
C GLU B 238 16.15 10.19 16.18
N SER B 239 16.41 9.90 14.90
CA SER B 239 15.44 9.15 14.09
C SER B 239 15.83 7.68 13.98
N GLY B 240 16.44 7.17 15.04
CA GLY B 240 16.85 5.78 15.10
C GLY B 240 15.72 4.74 15.08
N PHE B 241 14.52 5.14 15.47
CA PHE B 241 13.37 4.26 15.41
C PHE B 241 12.55 4.42 14.11
N ILE B 242 13.10 5.11 13.11
CA ILE B 242 12.46 5.18 11.80
C ILE B 242 13.28 4.39 10.83
N SER B 243 12.71 3.30 10.32
CA SER B 243 13.39 2.46 9.36
C SER B 243 12.41 1.65 8.52
N GLY B 244 12.83 1.38 7.29
CA GLY B 244 12.03 0.58 6.38
C GLY B 244 10.83 1.31 5.83
N THR B 245 10.76 2.62 6.00
CA THR B 245 9.59 3.37 5.55
C THR B 245 9.82 4.29 4.35
N THR B 246 8.71 4.71 3.75
CA THR B 246 8.72 5.61 2.60
C THR B 246 7.89 6.83 3.00
N LEU B 247 8.58 7.95 3.19
CA LEU B 247 7.95 9.22 3.54
C LEU B 247 7.59 10.00 2.27
N SER B 248 6.29 10.20 2.05
CA SER B 248 5.80 10.98 0.93
C SER B 248 5.86 12.48 1.23
N VAL B 249 6.44 13.27 0.32
CA VAL B 249 6.48 14.72 0.44
C VAL B 249 5.98 15.27 -0.89
N ASP B 250 4.65 15.28 -1.03
CA ASP B 250 4.03 15.49 -2.33
C ASP B 250 2.82 16.40 -2.30
N GLY B 251 2.66 17.14 -1.22
CA GLY B 251 1.62 18.16 -1.15
C GLY B 251 0.26 17.55 -1.17
N GLY B 252 0.19 16.23 -0.97
CA GLY B 252 -1.05 15.50 -0.96
C GLY B 252 -1.49 15.06 -2.34
N MET B 253 -0.62 15.21 -3.32
CA MET B 253 -1.00 14.90 -4.68
C MET B 253 -1.02 13.39 -4.91
N VAL B 254 -2.10 12.92 -5.54
CA VAL B 254 -2.24 11.51 -5.97
C VAL B 254 -2.40 11.56 -7.48
N VAL B 255 -1.63 10.79 -8.21
CA VAL B 255 -1.59 10.81 -9.63
C VAL B 255 -2.83 10.11 -10.25
N GLY B 256 -3.83 10.90 -10.62
CA GLY B 256 -5.03 10.35 -11.22
C GLY B 256 -4.81 9.69 -12.57
N SER B 257 -5.80 8.84 -12.91
CA SER B 257 -5.93 8.11 -14.18
C SER B 257 -6.41 8.94 -15.38
N LYS C 5 -25.77 -29.10 -1.09
CA LYS C 5 -25.58 -27.84 -1.81
C LYS C 5 -24.83 -26.84 -0.95
N ARG C 6 -23.79 -26.20 -1.48
CA ARG C 6 -23.11 -25.14 -0.72
C ARG C 6 -24.10 -23.98 -0.55
N VAL C 7 -24.05 -23.33 0.60
CA VAL C 7 -24.96 -22.25 0.97
C VAL C 7 -24.18 -20.94 0.97
N ALA C 8 -24.71 -19.93 0.27
CA ALA C 8 -24.05 -18.62 0.23
C ALA C 8 -24.97 -17.48 0.67
N ILE C 9 -24.52 -16.74 1.67
CA ILE C 9 -25.25 -15.60 2.17
C ILE C 9 -24.76 -14.39 1.40
N ILE C 10 -25.69 -13.68 0.77
CA ILE C 10 -25.33 -12.43 0.08
C ILE C 10 -26.06 -11.27 0.74
N THR C 11 -25.34 -10.38 1.41
CA THR C 11 -25.99 -9.24 2.05
C THR C 11 -26.14 -8.07 1.08
N GLY C 12 -27.19 -7.28 1.27
CA GLY C 12 -27.54 -6.21 0.34
C GLY C 12 -27.90 -6.79 -1.04
N ALA C 13 -28.61 -7.90 -1.02
CA ALA C 13 -28.84 -8.68 -2.23
C ALA C 13 -29.97 -8.12 -3.13
N ALA C 14 -30.74 -7.15 -2.64
CA ALA C 14 -31.96 -6.77 -3.36
C ALA C 14 -31.66 -5.94 -4.60
N ASN C 15 -30.46 -5.35 -4.64
CA ASN C 15 -30.12 -4.34 -5.65
C ASN C 15 -28.66 -4.38 -6.09
N GLY C 16 -28.37 -3.70 -7.19
CA GLY C 16 -27.01 -3.45 -7.66
C GLY C 16 -26.08 -4.64 -7.71
N ILE C 17 -24.90 -4.46 -7.13
CA ILE C 17 -23.88 -5.50 -7.10
C ILE C 17 -24.38 -6.76 -6.40
N GLY C 18 -25.08 -6.59 -5.28
CA GLY C 18 -25.60 -7.70 -4.52
C GLY C 18 -26.60 -8.53 -5.33
N ARG C 19 -27.44 -7.86 -6.08
CA ARG C 19 -28.43 -8.58 -6.86
C ARG C 19 -27.74 -9.43 -7.94
N ALA C 20 -26.82 -8.84 -8.68
CA ALA C 20 -26.07 -9.58 -9.70
C ALA C 20 -25.32 -10.76 -9.07
N THR C 21 -24.80 -10.57 -7.87
CA THR C 21 -23.97 -11.59 -7.23
C THR C 21 -24.82 -12.78 -6.82
N ALA C 22 -26.01 -12.51 -6.32
CA ALA C 22 -26.91 -13.59 -5.92
C ALA C 22 -27.34 -14.39 -7.15
N LEU C 23 -27.72 -13.68 -8.21
CA LEU C 23 -28.07 -14.31 -9.49
C LEU C 23 -26.92 -15.15 -9.97
N GLU C 24 -25.72 -14.60 -9.90
CA GLU C 24 -24.51 -15.28 -10.37
C GLU C 24 -24.21 -16.56 -9.57
N PHE C 25 -24.27 -16.46 -8.25
CA PHE C 25 -23.92 -17.58 -7.40
C PHE C 25 -24.97 -18.72 -7.58
N ALA C 26 -26.24 -18.35 -7.69
CA ALA C 26 -27.31 -19.34 -7.85
C ALA C 26 -27.24 -20.07 -9.21
N GLN C 27 -26.89 -19.34 -10.24
CA GLN C 27 -26.63 -19.94 -11.54
C GLN C 27 -25.44 -20.94 -11.51
N ALA C 28 -24.48 -20.71 -10.63
CA ALA C 28 -23.31 -21.58 -10.50
C ALA C 28 -23.60 -22.82 -9.66
N GLY C 29 -24.72 -22.83 -8.96
CA GLY C 29 -25.12 -24.03 -8.23
C GLY C 29 -25.11 -23.90 -6.73
N TYR C 30 -24.86 -22.69 -6.22
CA TYR C 30 -24.98 -22.42 -4.81
C TYR C 30 -26.46 -22.30 -4.43
N HIS C 31 -26.82 -22.66 -3.19
CA HIS C 31 -28.09 -22.24 -2.64
C HIS C 31 -27.91 -20.86 -1.99
N VAL C 32 -28.62 -19.86 -2.50
CA VAL C 32 -28.42 -18.49 -2.04
C VAL C 32 -29.36 -18.05 -0.92
N VAL C 33 -28.81 -17.38 0.08
CA VAL C 33 -29.66 -16.73 1.08
C VAL C 33 -29.42 -15.24 0.93
N ALA C 34 -30.43 -14.54 0.42
CA ALA C 34 -30.32 -13.12 0.12
C ALA C 34 -30.81 -12.34 1.31
N TRP C 35 -29.96 -11.45 1.85
CA TRP C 35 -30.36 -10.54 2.93
C TRP C 35 -30.44 -9.10 2.44
N ASP C 36 -31.50 -8.39 2.83
CA ASP C 36 -31.68 -6.97 2.47
C ASP C 36 -32.78 -6.32 3.34
N LEU C 37 -32.78 -5.00 3.43
CA LEU C 37 -33.91 -4.33 4.08
C LEU C 37 -35.10 -4.25 3.14
N ALA C 38 -34.87 -4.44 1.84
CA ALA C 38 -35.94 -4.17 0.86
C ALA C 38 -36.58 -5.46 0.36
N GLU C 39 -37.75 -5.80 0.92
CA GLU C 39 -38.41 -7.08 0.68
C GLU C 39 -38.99 -7.16 -0.72
N GLU C 40 -39.46 -6.03 -1.25
CA GLU C 40 -40.10 -6.04 -2.55
C GLU C 40 -39.13 -6.55 -3.59
N ALA C 41 -37.97 -5.92 -3.65
CA ALA C 41 -36.95 -6.32 -4.59
C ALA C 41 -36.38 -7.67 -4.19
N GLY C 42 -36.28 -7.90 -2.89
CA GLY C 42 -35.85 -9.19 -2.36
C GLY C 42 -36.65 -10.38 -2.86
N ALA C 43 -37.97 -10.31 -2.71
CA ALA C 43 -38.84 -11.43 -3.09
C ALA C 43 -38.86 -11.66 -4.60
N ALA C 44 -38.69 -10.58 -5.37
CA ALA C 44 -38.62 -10.67 -6.82
C ALA C 44 -37.34 -11.36 -7.27
N LEU C 45 -36.23 -11.05 -6.62
CA LEU C 45 -34.96 -11.73 -6.87
C LEU C 45 -35.11 -13.26 -6.79
N ILE C 46 -35.69 -13.73 -5.70
CA ILE C 46 -35.90 -15.16 -5.48
C ILE C 46 -36.76 -15.75 -6.60
N ALA C 47 -37.82 -15.03 -6.97
CA ALA C 47 -38.71 -15.50 -8.01
C ALA C 47 -37.92 -15.72 -9.31
N GLU C 48 -37.08 -14.76 -9.64
CA GLU C 48 -36.29 -14.82 -10.84
C GLU C 48 -35.24 -15.94 -10.78
N ILE C 49 -34.57 -16.08 -9.63
CA ILE C 49 -33.62 -17.17 -9.46
C ILE C 49 -34.34 -18.52 -9.70
N ALA C 50 -35.51 -18.68 -9.06
CA ALA C 50 -36.31 -19.89 -9.18
C ALA C 50 -36.72 -20.16 -10.62
N ASP C 51 -37.09 -19.09 -11.32
CA ASP C 51 -37.47 -19.17 -12.72
C ASP C 51 -36.37 -19.77 -13.58
N ALA C 52 -35.13 -19.47 -13.20
CA ALA C 52 -33.96 -19.88 -13.97
C ALA C 52 -33.49 -21.24 -13.53
N GLY C 53 -34.23 -21.89 -12.63
CA GLY C 53 -33.96 -23.25 -12.24
C GLY C 53 -33.02 -23.35 -11.04
N GLY C 54 -32.73 -22.21 -10.42
CA GLY C 54 -31.85 -22.19 -9.27
C GLY C 54 -32.59 -22.27 -7.95
N SER C 55 -31.83 -22.12 -6.85
CA SER C 55 -32.30 -22.32 -5.50
C SER C 55 -31.97 -21.08 -4.66
N ALA C 56 -32.95 -20.47 -4.00
CA ALA C 56 -32.66 -19.31 -3.16
C ALA C 56 -33.78 -18.99 -2.16
N ASP C 57 -33.40 -18.42 -1.01
CA ASP C 57 -34.33 -17.94 0.02
C ASP C 57 -34.09 -16.42 0.22
N PHE C 58 -35.07 -15.72 0.75
CA PHE C 58 -34.89 -14.31 1.08
C PHE C 58 -35.28 -14.10 2.52
N ALA C 59 -34.53 -13.25 3.23
CA ALA C 59 -34.85 -12.83 4.60
C ALA C 59 -34.65 -11.33 4.76
N ARG C 60 -35.60 -10.68 5.41
CA ARG C 60 -35.45 -9.27 5.71
C ARG C 60 -34.46 -9.14 6.86
N VAL C 61 -33.25 -8.64 6.59
CA VAL C 61 -32.28 -8.49 7.67
C VAL C 61 -31.61 -7.13 7.69
N ASP C 62 -31.55 -6.52 8.88
CA ASP C 62 -30.73 -5.31 9.08
C ASP C 62 -29.37 -5.74 9.57
N VAL C 63 -28.37 -5.69 8.69
CA VAL C 63 -27.04 -6.18 9.03
C VAL C 63 -26.41 -5.41 10.20
N SER C 64 -26.93 -4.22 10.49
CA SER C 64 -26.38 -3.40 11.57
C SER C 64 -26.99 -3.77 12.95
N ALA C 65 -27.93 -4.70 12.95
CA ALA C 65 -28.68 -5.07 14.15
C ALA C 65 -28.32 -6.48 14.59
N ALA C 66 -27.62 -6.60 15.71
CA ALA C 66 -27.07 -7.87 16.18
C ALA C 66 -28.10 -8.99 16.33
N GLU C 67 -29.22 -8.72 16.99
CA GLU C 67 -30.26 -9.73 17.20
C GLU C 67 -30.79 -10.24 15.87
N SER C 68 -31.08 -9.34 14.94
CA SER C 68 -31.66 -9.74 13.67
C SER C 68 -30.66 -10.56 12.85
N VAL C 69 -29.39 -10.24 12.96
CA VAL C 69 -28.37 -11.04 12.29
C VAL C 69 -28.27 -12.45 12.90
N GLU C 70 -28.26 -12.52 14.24
CA GLU C 70 -28.11 -13.80 14.92
C GLU C 70 -29.24 -14.74 14.59
N ALA C 71 -30.47 -14.23 14.66
CA ALA C 71 -31.65 -15.06 14.39
C ALA C 71 -31.63 -15.61 12.97
N ALA C 72 -31.23 -14.77 12.03
CA ALA C 72 -31.26 -15.16 10.64
C ALA C 72 -30.19 -16.20 10.30
N VAL C 73 -29.02 -16.13 10.94
CA VAL C 73 -28.00 -17.19 10.76
C VAL C 73 -28.55 -18.48 11.36
N ALA C 74 -29.19 -18.39 12.52
CA ALA C 74 -29.76 -19.58 13.17
C ALA C 74 -30.77 -20.25 12.26
N GLU C 75 -31.64 -19.44 11.63
CA GLU C 75 -32.67 -20.01 10.78
C GLU C 75 -32.02 -20.77 9.61
N ILE C 76 -30.93 -20.23 9.06
CA ILE C 76 -30.25 -20.90 7.93
C ILE C 76 -29.63 -22.25 8.36
N ILE C 77 -28.98 -22.26 9.52
CA ILE C 77 -28.45 -23.52 10.11
C ILE C 77 -29.53 -24.56 10.32
N ALA C 78 -30.67 -24.13 10.85
CA ALA C 78 -31.79 -25.02 11.10
C ALA C 78 -32.34 -25.59 9.79
N GLU C 79 -32.30 -24.81 8.72
CA GLU C 79 -32.87 -25.25 7.45
C GLU C 79 -31.90 -26.07 6.61
N HIS C 80 -30.66 -25.60 6.55
CA HIS C 80 -29.68 -26.09 5.58
C HIS C 80 -28.42 -26.64 6.27
N GLY C 81 -28.24 -26.35 7.55
CA GLY C 81 -27.18 -26.97 8.32
C GLY C 81 -25.79 -26.45 8.03
N ARG C 82 -25.67 -25.40 7.22
CA ARG C 82 -24.35 -24.96 6.79
C ARG C 82 -24.35 -23.57 6.18
N VAL C 83 -23.23 -22.85 6.33
CA VAL C 83 -22.93 -21.65 5.56
C VAL C 83 -21.52 -21.79 4.99
N ASP C 84 -21.38 -21.81 3.67
CA ASP C 84 -20.07 -21.93 3.04
C ASP C 84 -19.48 -20.59 2.68
N VAL C 85 -20.34 -19.64 2.32
CA VAL C 85 -19.89 -18.36 1.84
C VAL C 85 -20.75 -17.25 2.43
N LEU C 86 -20.08 -16.18 2.85
CA LEU C 86 -20.74 -14.95 3.25
C LEU C 86 -20.14 -13.81 2.47
N VAL C 87 -20.97 -13.08 1.74
CA VAL C 87 -20.57 -11.91 0.99
C VAL C 87 -21.16 -10.69 1.70
N ASN C 88 -20.29 -9.94 2.37
CA ASN C 88 -20.69 -8.69 3.04
C ASN C 88 -20.69 -7.51 2.06
N ASN C 89 -21.80 -7.34 1.37
CA ASN C 89 -21.94 -6.34 0.31
C ASN C 89 -22.93 -5.24 0.69
N ALA C 90 -23.73 -5.43 1.73
CA ALA C 90 -24.71 -4.43 2.08
C ALA C 90 -24.02 -3.08 2.35
N GLY C 91 -24.57 -1.97 1.82
CA GLY C 91 -23.95 -0.67 2.04
C GLY C 91 -24.87 0.51 1.85
N ILE C 92 -24.47 1.65 2.40
CA ILE C 92 -25.16 2.92 2.19
C ILE C 92 -24.15 4.07 2.05
N LEU C 93 -24.59 5.14 1.40
CA LEU C 93 -23.81 6.36 1.20
C LEU C 93 -24.52 7.58 1.79
N HIS C 94 -23.80 8.38 2.57
CA HIS C 94 -24.27 9.72 2.86
C HIS C 94 -23.05 10.66 2.87
N ASP C 95 -22.80 11.26 1.73
CA ASP C 95 -21.60 12.08 1.51
C ASP C 95 -21.75 13.50 2.05
N GLY C 96 -20.62 14.17 2.16
CA GLY C 96 -20.59 15.57 2.52
C GLY C 96 -19.20 15.97 3.00
N GLN C 97 -18.81 17.19 2.73
CA GLN C 97 -17.61 17.78 3.34
C GLN C 97 -17.66 17.66 4.88
N LEU C 98 -16.50 17.48 5.50
CA LEU C 98 -16.39 17.49 6.98
C LEU C 98 -17.01 18.75 7.53
N VAL C 99 -16.60 19.89 6.98
CA VAL C 99 -17.25 21.17 7.29
C VAL C 99 -17.29 22.03 6.02
N LYS C 100 -18.28 22.91 5.99
CA LYS C 100 -18.46 23.80 4.86
C LYS C 100 -18.57 25.24 5.39
N VAL C 101 -17.52 26.03 5.15
CA VAL C 101 -17.42 27.38 5.72
C VAL C 101 -17.69 28.51 4.69
N LYS C 102 -18.59 29.42 5.06
CA LYS C 102 -18.91 30.59 4.24
C LYS C 102 -19.44 31.72 5.13
N GLY C 103 -19.17 32.97 4.78
CA GLY C 103 -19.58 34.07 5.63
C GLY C 103 -18.88 34.03 6.98
N GLY C 104 -17.81 33.23 7.06
CA GLY C 104 -17.03 33.15 8.28
C GLY C 104 -17.72 32.26 9.27
N GLU C 105 -18.62 31.42 8.77
CA GLU C 105 -19.36 30.53 9.61
C GLU C 105 -19.58 29.19 8.92
N VAL C 106 -19.84 28.17 9.72
CA VAL C 106 -20.16 26.86 9.19
C VAL C 106 -21.60 26.83 8.68
N VAL C 107 -21.77 26.66 7.38
CA VAL C 107 -23.11 26.60 6.82
C VAL C 107 -23.55 25.16 6.56
N LYS C 108 -22.61 24.23 6.50
CA LYS C 108 -22.93 22.80 6.48
C LYS C 108 -21.78 21.96 7.04
N LYS C 109 -22.13 20.81 7.60
CA LYS C 109 -21.14 19.89 8.12
C LYS C 109 -21.72 18.49 8.16
N MET C 110 -20.86 17.50 7.98
CA MET C 110 -21.24 16.11 8.12
C MET C 110 -21.82 15.85 9.50
N ALA C 111 -23.12 15.57 9.55
CA ALA C 111 -23.78 15.40 10.82
C ALA C 111 -23.27 14.14 11.51
N GLU C 112 -23.23 14.17 12.83
CA GLU C 112 -22.85 13.02 13.65
C GLU C 112 -23.59 11.75 13.22
N ALA C 113 -24.91 11.88 13.04
CA ALA C 113 -25.75 10.76 12.59
C ALA C 113 -25.39 10.28 11.17
N GLN C 114 -25.00 11.19 10.28
CA GLN C 114 -24.53 10.80 8.93
C GLN C 114 -23.30 9.95 9.02
N PHE C 115 -22.33 10.44 9.76
CA PHE C 115 -21.13 9.68 10.04
C PHE C 115 -21.46 8.33 10.66
N ASP C 116 -22.24 8.34 11.75
CA ASP C 116 -22.55 7.12 12.46
C ASP C 116 -23.28 6.07 11.59
N ALA C 117 -24.25 6.49 10.80
CA ALA C 117 -25.11 5.53 10.11
C ALA C 117 -24.31 4.77 9.06
N VAL C 118 -23.41 5.46 8.39
CA VAL C 118 -22.59 4.81 7.39
C VAL C 118 -21.61 3.85 8.07
N ILE C 119 -20.99 4.28 9.16
CA ILE C 119 -20.15 3.39 9.95
C ILE C 119 -20.95 2.16 10.39
N SER C 120 -22.16 2.38 10.86
CA SER C 120 -23.00 1.30 11.39
C SER C 120 -23.28 0.17 10.39
N VAL C 121 -23.64 0.53 9.16
CA VAL C 121 -23.97 -0.46 8.14
C VAL C 121 -22.70 -0.96 7.44
N ASN C 122 -21.86 -0.04 7.02
CA ASN C 122 -20.72 -0.37 6.23
C ASN C 122 -19.53 -0.95 6.98
N LEU C 123 -19.47 -0.78 8.29
CA LEU C 123 -18.32 -1.31 9.06
C LEU C 123 -18.83 -2.27 10.13
N LYS C 124 -19.68 -1.80 11.03
CA LYS C 124 -20.23 -2.64 12.06
C LYS C 124 -20.97 -3.85 11.50
N GLY C 125 -21.75 -3.63 10.48
CA GLY C 125 -22.55 -4.67 9.88
C GLY C 125 -21.66 -5.77 9.36
N VAL C 126 -20.50 -5.42 8.79
CA VAL C 126 -19.58 -6.42 8.28
C VAL C 126 -19.05 -7.25 9.47
N PHE C 127 -18.78 -6.58 10.58
CA PHE C 127 -18.35 -7.24 11.81
C PHE C 127 -19.42 -8.20 12.33
N LEU C 128 -20.65 -7.72 12.49
CA LEU C 128 -21.73 -8.55 13.05
C LEU C 128 -22.02 -9.78 12.18
N CYS C 129 -22.17 -9.60 10.87
CA CYS C 129 -22.46 -10.74 10.00
C CYS C 129 -21.36 -11.79 10.02
N THR C 130 -20.12 -11.33 9.96
CA THR C 130 -18.99 -12.23 9.92
C THR C 130 -18.88 -12.96 11.27
N GLN C 131 -19.10 -12.22 12.37
CA GLN C 131 -19.04 -12.83 13.71
C GLN C 131 -20.07 -13.95 13.90
N ALA C 132 -21.23 -13.82 13.28
CA ALA C 132 -22.33 -14.73 13.51
C ALA C 132 -22.19 -16.00 12.70
N VAL C 133 -21.56 -15.88 11.54
CA VAL C 133 -21.41 -16.99 10.65
C VAL C 133 -20.18 -17.82 10.99
N ALA C 134 -19.18 -17.15 11.57
CA ALA C 134 -17.87 -17.72 11.75
C ALA C 134 -17.85 -19.05 12.50
N PRO C 135 -18.68 -19.20 13.54
CA PRO C 135 -18.52 -20.46 14.28
C PRO C 135 -18.94 -21.67 13.43
N HIS C 136 -19.88 -21.48 12.52
CA HIS C 136 -20.36 -22.59 11.71
C HIS C 136 -19.32 -22.96 10.65
N MET C 137 -18.69 -21.96 10.04
CA MET C 137 -17.52 -22.20 9.19
C MET C 137 -16.42 -22.92 9.99
N ILE C 138 -16.21 -22.51 11.23
CA ILE C 138 -15.17 -23.16 12.05
C ILE C 138 -15.47 -24.66 12.27
N ALA C 139 -16.67 -24.99 12.74
CA ALA C 139 -17.08 -26.38 12.93
C ALA C 139 -16.93 -27.24 11.66
N ALA C 140 -17.29 -26.66 10.52
CA ALA C 140 -17.24 -27.37 9.26
C ALA C 140 -15.81 -27.41 8.73
N LYS C 141 -14.92 -26.63 9.36
CA LYS C 141 -13.55 -26.46 8.89
C LYS C 141 -13.52 -25.94 7.43
N TYR C 142 -14.46 -25.07 7.08
CA TYR C 142 -14.50 -24.50 5.74
C TYR C 142 -15.26 -23.18 5.70
N GLY C 143 -14.77 -22.27 4.89
CA GLY C 143 -15.44 -20.98 4.77
C GLY C 143 -14.80 -20.02 3.79
N ARG C 144 -15.65 -19.09 3.30
CA ARG C 144 -15.23 -18.00 2.44
C ARG C 144 -15.92 -16.70 2.88
N ILE C 145 -15.14 -15.74 3.35
CA ILE C 145 -15.65 -14.46 3.82
C ILE C 145 -15.22 -13.45 2.80
N LEU C 146 -16.17 -12.67 2.30
CA LEU C 146 -15.93 -11.75 1.18
C LEU C 146 -16.53 -10.39 1.50
N ASN C 147 -15.68 -9.36 1.57
CA ASN C 147 -16.07 -8.05 2.08
C ASN C 147 -16.05 -6.96 1.01
N ALA C 148 -17.14 -6.22 0.95
CA ALA C 148 -17.26 -5.09 0.03
C ALA C 148 -16.46 -3.89 0.51
N SER C 149 -15.31 -3.64 -0.13
CA SER C 149 -14.57 -2.42 0.10
C SER C 149 -14.84 -1.50 -1.09
N SER C 150 -13.91 -0.61 -1.39
CA SER C 150 -14.10 0.34 -2.49
C SER C 150 -12.75 0.92 -2.94
N VAL C 151 -12.62 1.29 -4.22
CA VAL C 151 -11.40 1.92 -4.73
C VAL C 151 -11.09 3.13 -3.85
N VAL C 152 -12.13 3.66 -3.25
CA VAL C 152 -12.02 4.89 -2.46
C VAL C 152 -11.45 4.59 -1.03
N GLY C 153 -11.42 3.31 -0.69
CA GLY C 153 -10.73 2.86 0.52
C GLY C 153 -9.22 2.90 0.37
N LEU C 154 -8.74 2.88 -0.87
CA LEU C 154 -7.31 2.91 -1.10
C LEU C 154 -6.77 4.34 -1.19
N TYR C 155 -7.53 5.22 -1.80
CA TYR C 155 -6.98 6.53 -2.15
C TYR C 155 -7.62 7.67 -1.40
N GLY C 156 -8.73 7.39 -0.72
CA GLY C 156 -9.52 8.44 -0.12
C GLY C 156 -10.26 9.18 -1.23
N ASN C 157 -11.21 10.02 -0.84
CA ASN C 157 -11.96 10.84 -1.79
C ASN C 157 -12.60 12.05 -1.11
N PHE C 158 -12.67 13.15 -1.84
CA PHE C 158 -13.32 14.37 -1.38
C PHE C 158 -14.76 14.04 -0.99
N GLY C 159 -15.22 14.61 0.10
CA GLY C 159 -16.61 14.49 0.49
C GLY C 159 -17.06 13.17 1.09
N GLN C 160 -16.12 12.26 1.35
CA GLN C 160 -16.46 10.89 1.77
C GLN C 160 -15.78 10.44 3.08
N THR C 161 -15.66 11.36 4.04
CA THR C 161 -15.08 11.03 5.35
C THR C 161 -15.60 9.70 5.89
N ASN C 162 -16.92 9.55 5.89
CA ASN C 162 -17.54 8.41 6.53
C ASN C 162 -17.40 7.15 5.70
N TYR C 163 -17.63 7.28 4.40
CA TYR C 163 -17.63 6.12 3.52
C TYR C 163 -16.23 5.55 3.40
N VAL C 164 -15.24 6.43 3.30
CA VAL C 164 -13.82 6.02 3.24
C VAL C 164 -13.28 5.37 4.52
N ALA C 165 -13.70 5.91 5.67
CA ALA C 165 -13.36 5.36 6.96
C ALA C 165 -13.81 3.91 7.03
N ALA C 166 -15.06 3.67 6.62
CA ALA C 166 -15.64 2.33 6.71
C ALA C 166 -15.02 1.37 5.73
N LYS C 167 -14.69 1.80 4.55
CA LYS C 167 -14.21 0.93 3.49
C LYS C 167 -12.69 0.64 3.69
N SER C 168 -11.95 1.63 4.13
CA SER C 168 -10.56 1.35 4.51
C SER C 168 -10.55 0.46 5.75
N GLY C 169 -11.49 0.69 6.65
CA GLY C 169 -11.57 -0.08 7.87
C GLY C 169 -12.02 -1.53 7.64
N VAL C 170 -12.87 -1.74 6.63
CA VAL C 170 -13.26 -3.09 6.20
C VAL C 170 -12.01 -3.87 5.73
N ILE C 171 -11.11 -3.22 5.00
CA ILE C 171 -9.88 -3.89 4.58
C ILE C 171 -9.06 -4.32 5.81
N GLY C 172 -9.06 -3.47 6.83
CA GLY C 172 -8.33 -3.77 8.06
C GLY C 172 -8.85 -5.02 8.75
N MET C 173 -10.17 -5.09 8.88
CA MET C 173 -10.80 -6.25 9.49
C MET C 173 -10.56 -7.51 8.65
N THR C 174 -10.53 -7.35 7.32
CA THR C 174 -10.28 -8.45 6.41
C THR C 174 -8.92 -9.06 6.75
N LYS C 175 -7.93 -8.20 7.03
CA LYS C 175 -6.61 -8.70 7.39
C LYS C 175 -6.58 -9.40 8.75
N VAL C 176 -7.28 -8.86 9.75
CA VAL C 176 -7.38 -9.52 11.04
C VAL C 176 -7.93 -10.94 10.85
N TRP C 177 -9.11 -11.01 10.25
CA TRP C 177 -9.86 -12.24 10.20
C TRP C 177 -9.16 -13.32 9.42
N ALA C 178 -8.45 -12.93 8.36
CA ALA C 178 -7.62 -13.88 7.63
C ALA C 178 -6.65 -14.58 8.59
N ARG C 179 -6.04 -13.78 9.46
CA ARG C 179 -5.07 -14.26 10.46
C ARG C 179 -5.73 -15.18 11.48
N GLU C 180 -6.91 -14.80 11.96
CA GLU C 180 -7.59 -15.58 12.99
C GLU C 180 -8.19 -16.92 12.47
N LEU C 181 -8.63 -16.93 11.21
CA LEU C 181 -9.55 -17.98 10.74
C LEU C 181 -8.91 -18.94 9.74
N GLY C 182 -7.73 -18.59 9.26
CA GLY C 182 -7.05 -19.47 8.31
C GLY C 182 -6.84 -20.90 8.81
N ARG C 183 -6.35 -21.03 10.04
CA ARG C 183 -6.17 -22.34 10.65
C ARG C 183 -7.46 -23.22 10.72
N TYR C 184 -8.62 -22.65 10.37
CA TYR C 184 -9.86 -23.43 10.33
C TYR C 184 -10.43 -23.65 8.94
N GLY C 185 -9.61 -23.46 7.92
CA GLY C 185 -10.07 -23.72 6.56
C GLY C 185 -10.77 -22.52 5.92
N ILE C 186 -10.61 -21.34 6.51
CA ILE C 186 -11.38 -20.16 6.09
C ILE C 186 -10.49 -19.09 5.49
N THR C 187 -10.88 -18.59 4.31
CA THR C 187 -10.23 -17.46 3.67
C THR C 187 -11.08 -16.22 3.82
N VAL C 188 -10.44 -15.06 3.87
CA VAL C 188 -11.11 -13.81 4.16
C VAL C 188 -10.49 -12.80 3.23
N ASN C 189 -11.30 -12.20 2.36
CA ASN C 189 -10.82 -11.36 1.29
C ASN C 189 -11.76 -10.18 1.12
N ALA C 190 -11.30 -9.14 0.43
CA ALA C 190 -12.12 -8.00 0.10
C ALA C 190 -12.07 -7.71 -1.40
N ILE C 191 -13.14 -7.13 -1.92
CA ILE C 191 -13.12 -6.54 -3.24
C ILE C 191 -13.31 -5.03 -3.17
N ALA C 192 -12.53 -4.32 -3.98
CA ALA C 192 -12.64 -2.87 -4.04
C ALA C 192 -13.08 -2.41 -5.45
N PRO C 193 -14.40 -2.27 -5.67
CA PRO C 193 -14.90 -1.84 -6.99
C PRO C 193 -14.61 -0.35 -7.28
N GLY C 194 -14.53 0.03 -8.56
CA GLY C 194 -14.40 1.41 -8.96
C GLY C 194 -15.79 1.90 -9.25
N PHE C 195 -15.93 2.60 -10.37
CA PHE C 195 -17.20 3.10 -10.82
C PHE C 195 -18.04 1.97 -11.42
N ILE C 196 -19.20 1.69 -10.82
CA ILE C 196 -20.06 0.58 -11.23
C ILE C 196 -21.46 1.10 -11.45
N ALA C 197 -22.09 0.68 -12.54
CA ALA C 197 -23.34 1.27 -12.97
C ALA C 197 -24.57 0.69 -12.26
N THR C 198 -24.70 0.96 -10.96
CA THR C 198 -25.93 0.68 -10.24
C THR C 198 -26.86 1.89 -10.30
N GLU C 199 -27.97 1.81 -9.55
CA GLU C 199 -29.04 2.82 -9.50
C GLU C 199 -28.50 4.24 -9.55
N MET C 200 -28.01 4.73 -8.41
CA MET C 200 -27.61 6.12 -8.28
C MET C 200 -26.69 6.52 -9.43
N VAL C 201 -25.80 5.59 -9.80
CA VAL C 201 -24.81 5.88 -10.83
C VAL C 201 -25.47 6.06 -12.20
N GLN C 202 -26.32 5.09 -12.57
CA GLN C 202 -27.01 5.15 -13.85
C GLN C 202 -27.85 6.41 -14.01
N GLN C 203 -28.21 7.02 -12.88
CA GLN C 203 -29.02 8.23 -12.87
C GLN C 203 -28.17 9.51 -12.80
N MET C 204 -26.84 9.37 -12.85
CA MET C 204 -25.97 10.56 -12.75
C MET C 204 -25.94 11.35 -14.07
N PRO C 205 -25.71 12.69 -13.98
CA PRO C 205 -25.66 13.56 -15.16
C PRO C 205 -24.75 12.97 -16.23
N GLU C 206 -25.22 12.94 -17.48
CA GLU C 206 -24.46 12.38 -18.59
C GLU C 206 -23.04 12.97 -18.60
N ARG C 207 -22.93 14.27 -18.45
CA ARG C 207 -21.62 14.94 -18.53
C ARG C 207 -20.70 14.46 -17.38
N VAL C 208 -21.27 14.18 -16.23
CA VAL C 208 -20.47 13.67 -15.13
C VAL C 208 -20.03 12.23 -15.44
N LEU C 209 -20.93 11.41 -16.00
CA LEU C 209 -20.59 10.02 -16.29
C LEU C 209 -19.49 10.01 -17.33
N GLU C 210 -19.56 10.92 -18.29
CA GLU C 210 -18.53 11.03 -19.33
C GLU C 210 -17.14 11.39 -18.73
N ALA C 211 -17.13 12.28 -17.74
CA ALA C 211 -15.90 12.65 -17.07
C ALA C 211 -15.31 11.43 -16.38
N MET C 212 -16.17 10.66 -15.69
CA MET C 212 -15.75 9.44 -14.96
C MET C 212 -15.15 8.35 -15.86
N VAL C 213 -15.79 8.09 -17.00
CA VAL C 213 -15.23 7.19 -18.04
C VAL C 213 -13.87 7.69 -18.56
N ALA C 214 -13.73 9.00 -18.73
CA ALA C 214 -12.50 9.55 -19.29
C ALA C 214 -11.35 9.32 -18.32
N ARG C 215 -11.67 9.27 -17.03
CA ARG C 215 -10.66 9.02 -16.00
C ARG C 215 -10.40 7.52 -15.86
N THR C 216 -11.10 6.70 -16.63
CA THR C 216 -10.99 5.23 -16.49
C THR C 216 -10.26 4.65 -17.68
N PRO C 217 -9.05 4.08 -17.45
CA PRO C 217 -8.25 3.54 -18.55
C PRO C 217 -8.99 2.60 -19.53
N VAL C 218 -9.67 1.56 -19.05
CA VAL C 218 -10.33 0.65 -19.99
C VAL C 218 -11.54 1.31 -20.66
N GLY C 219 -11.90 2.52 -20.26
CA GLY C 219 -12.82 3.35 -21.04
C GLY C 219 -14.31 3.10 -20.90
N ARG C 220 -14.75 2.70 -19.71
CA ARG C 220 -16.17 2.55 -19.44
C ARG C 220 -16.45 2.53 -17.93
N ILE C 221 -17.69 2.83 -17.56
CA ILE C 221 -18.22 2.48 -16.23
C ILE C 221 -18.31 0.96 -16.13
N GLY C 222 -17.99 0.40 -14.97
CA GLY C 222 -18.12 -1.03 -14.78
C GLY C 222 -19.58 -1.43 -14.65
N ASP C 223 -19.83 -2.72 -14.75
CA ASP C 223 -21.16 -3.30 -14.62
C ASP C 223 -21.18 -4.14 -13.37
N PRO C 224 -22.35 -4.24 -12.72
CA PRO C 224 -22.37 -5.11 -11.55
C PRO C 224 -21.88 -6.55 -11.83
N VAL C 225 -22.09 -7.09 -13.03
CA VAL C 225 -21.64 -8.45 -13.28
C VAL C 225 -20.09 -8.53 -13.27
N ASP C 226 -19.40 -7.40 -13.43
CA ASP C 226 -17.94 -7.41 -13.29
C ASP C 226 -17.54 -7.82 -11.88
N ILE C 227 -18.39 -7.44 -10.92
CA ILE C 227 -18.09 -7.62 -9.50
C ILE C 227 -18.57 -9.01 -9.10
N ALA C 228 -19.74 -9.39 -9.61
CA ALA C 228 -20.37 -10.65 -9.20
C ALA C 228 -19.49 -11.84 -9.56
N ARG C 229 -18.77 -11.73 -10.68
CA ARG C 229 -17.94 -12.84 -11.15
C ARG C 229 -16.65 -12.84 -10.37
N ALA C 230 -16.24 -11.68 -9.84
CA ALA C 230 -15.04 -11.61 -9.02
C ALA C 230 -15.26 -12.26 -7.65
N TYR C 231 -16.39 -11.99 -6.99
CA TYR C 231 -16.76 -12.73 -5.77
C TYR C 231 -16.83 -14.26 -6.00
N LEU C 232 -17.49 -14.70 -7.08
CA LEU C 232 -17.63 -16.13 -7.38
C LEU C 232 -16.26 -16.80 -7.47
N PHE C 233 -15.33 -16.15 -8.20
CA PHE C 233 -13.96 -16.65 -8.27
C PHE C 233 -13.27 -16.80 -6.91
N LEU C 234 -13.30 -15.74 -6.10
CA LEU C 234 -12.73 -15.79 -4.76
C LEU C 234 -13.41 -16.81 -3.87
N ALA C 235 -14.70 -17.03 -4.13
CA ALA C 235 -15.51 -17.94 -3.32
C ALA C 235 -15.23 -19.42 -3.63
N SER C 236 -14.57 -19.69 -4.76
CA SER C 236 -14.36 -21.05 -5.23
C SER C 236 -13.62 -21.92 -4.24
N GLU C 237 -14.01 -23.19 -4.17
CA GLU C 237 -13.29 -24.10 -3.32
C GLU C 237 -11.89 -24.31 -3.92
N GLU C 238 -11.65 -23.87 -5.14
CA GLU C 238 -10.29 -23.92 -5.69
C GLU C 238 -9.54 -22.57 -5.54
N SER C 239 -10.09 -21.69 -4.69
CA SER C 239 -9.43 -20.41 -4.41
C SER C 239 -8.96 -20.34 -2.95
N GLY C 240 -8.57 -21.49 -2.44
CA GLY C 240 -8.24 -21.61 -1.04
C GLY C 240 -6.90 -21.04 -0.64
N PHE C 241 -6.02 -20.78 -1.60
CA PHE C 241 -4.78 -20.10 -1.28
C PHE C 241 -4.84 -18.57 -1.41
N ILE C 242 -6.01 -18.00 -1.67
CA ILE C 242 -6.18 -16.54 -1.71
C ILE C 242 -6.80 -16.13 -0.39
N SER C 243 -6.09 -15.33 0.41
CA SER C 243 -6.68 -14.85 1.63
C SER C 243 -5.93 -13.62 2.13
N GLY C 244 -6.64 -12.74 2.82
CA GLY C 244 -6.05 -11.55 3.38
C GLY C 244 -5.83 -10.47 2.33
N THR C 245 -6.40 -10.65 1.14
CA THR C 245 -6.10 -9.73 0.06
C THR C 245 -7.30 -8.89 -0.36
N THR C 246 -7.00 -7.84 -1.09
CA THR C 246 -8.00 -6.92 -1.59
C THR C 246 -7.91 -6.93 -3.10
N LEU C 247 -8.91 -7.52 -3.74
CA LEU C 247 -8.96 -7.56 -5.19
C LEU C 247 -9.59 -6.28 -5.73
N SER C 248 -8.82 -5.50 -6.50
CA SER C 248 -9.35 -4.30 -7.15
C SER C 248 -9.97 -4.62 -8.52
N VAL C 249 -11.22 -4.20 -8.68
CA VAL C 249 -11.94 -4.28 -9.95
C VAL C 249 -12.42 -2.89 -10.32
N ASP C 250 -11.52 -2.11 -10.92
CA ASP C 250 -11.78 -0.68 -11.12
C ASP C 250 -11.38 -0.16 -12.49
N GLY C 251 -11.21 -1.05 -13.45
CA GLY C 251 -10.86 -0.65 -14.81
C GLY C 251 -9.58 0.18 -14.91
N GLY C 252 -8.77 0.11 -13.87
CA GLY C 252 -7.49 0.82 -13.81
C GLY C 252 -7.63 2.23 -13.30
N MET C 253 -8.81 2.57 -12.81
CA MET C 253 -9.08 3.93 -12.39
C MET C 253 -8.34 4.18 -11.08
N VAL C 254 -7.66 5.32 -11.00
CA VAL C 254 -7.02 5.78 -9.77
C VAL C 254 -7.60 7.14 -9.41
N VAL C 255 -8.06 7.29 -8.18
CA VAL C 255 -8.77 8.48 -7.83
C VAL C 255 -7.75 9.60 -7.58
N GLY C 256 -7.53 10.41 -8.60
CA GLY C 256 -6.61 11.52 -8.51
C GLY C 256 -7.12 12.47 -7.45
N SER C 257 -6.20 13.28 -6.94
CA SER C 257 -6.54 14.43 -6.13
C SER C 257 -6.82 15.60 -7.08
N LYS D 5 -9.67 -20.25 -31.09
CA LYS D 5 -8.60 -20.28 -30.07
C LYS D 5 -7.83 -18.98 -29.91
N ARG D 6 -8.00 -18.34 -28.76
CA ARG D 6 -7.07 -17.30 -28.34
C ARG D 6 -5.67 -17.83 -28.15
N VAL D 7 -4.69 -16.99 -28.42
CA VAL D 7 -3.28 -17.36 -28.32
C VAL D 7 -2.72 -16.78 -27.02
N ALA D 8 -2.16 -17.62 -26.16
CA ALA D 8 -1.46 -17.13 -24.97
C ALA D 8 0.02 -17.50 -24.96
N ILE D 9 0.87 -16.50 -24.72
CA ILE D 9 2.32 -16.71 -24.52
C ILE D 9 2.57 -16.85 -23.02
N ILE D 10 3.12 -17.99 -22.62
CA ILE D 10 3.55 -18.19 -21.24
C ILE D 10 5.08 -18.28 -21.22
N THR D 11 5.73 -17.32 -20.55
CA THR D 11 7.19 -17.29 -20.46
C THR D 11 7.58 -18.01 -19.16
N GLY D 12 8.79 -18.56 -19.13
CA GLY D 12 9.20 -19.49 -18.09
C GLY D 12 8.27 -20.69 -17.98
N ALA D 13 7.77 -21.20 -19.12
CA ALA D 13 6.69 -22.20 -19.09
C ALA D 13 7.15 -23.60 -18.78
N ALA D 14 8.45 -23.87 -18.82
CA ALA D 14 8.96 -25.25 -18.74
C ALA D 14 8.88 -25.90 -17.36
N ASN D 15 8.86 -25.12 -16.30
CA ASN D 15 8.78 -25.61 -14.95
C ASN D 15 7.84 -24.86 -14.02
N GLY D 16 7.63 -25.43 -12.85
CA GLY D 16 6.96 -24.70 -11.78
C GLY D 16 5.68 -23.97 -12.19
N ILE D 17 5.54 -22.71 -11.81
CA ILE D 17 4.29 -22.00 -12.02
C ILE D 17 3.97 -21.87 -13.51
N GLY D 18 4.98 -21.63 -14.32
CA GLY D 18 4.78 -21.54 -15.75
C GLY D 18 4.22 -22.83 -16.34
N ARG D 19 4.72 -23.98 -15.90
CA ARG D 19 4.23 -25.25 -16.44
C ARG D 19 2.74 -25.45 -16.14
N ALA D 20 2.36 -25.22 -14.89
CA ALA D 20 0.97 -25.38 -14.49
C ALA D 20 0.06 -24.40 -15.23
N THR D 21 0.53 -23.16 -15.40
CA THR D 21 -0.20 -22.13 -16.13
C THR D 21 -0.41 -22.53 -17.59
N ALA D 22 0.64 -23.03 -18.25
CA ALA D 22 0.55 -23.51 -19.62
C ALA D 22 -0.48 -24.61 -19.78
N LEU D 23 -0.44 -25.57 -18.86
CA LEU D 23 -1.39 -26.69 -18.85
C LEU D 23 -2.82 -26.21 -18.62
N GLU D 24 -2.98 -25.32 -17.66
CA GLU D 24 -4.29 -24.76 -17.32
C GLU D 24 -4.90 -23.96 -18.51
N PHE D 25 -4.08 -23.15 -19.20
CA PHE D 25 -4.59 -22.39 -20.36
C PHE D 25 -4.94 -23.36 -21.50
N ALA D 26 -4.11 -24.41 -21.71
CA ALA D 26 -4.39 -25.37 -22.79
C ALA D 26 -5.71 -26.05 -22.54
N GLN D 27 -5.93 -26.44 -21.29
CA GLN D 27 -7.16 -27.14 -20.91
C GLN D 27 -8.38 -26.24 -21.07
N ALA D 28 -8.16 -24.92 -21.00
CA ALA D 28 -9.21 -23.93 -21.20
C ALA D 28 -9.49 -23.62 -22.68
N GLY D 29 -8.71 -24.22 -23.58
CA GLY D 29 -8.89 -24.02 -25.00
C GLY D 29 -7.97 -23.01 -25.67
N TYR D 30 -7.10 -22.34 -24.91
CA TYR D 30 -6.09 -21.47 -25.50
C TYR D 30 -5.11 -22.28 -26.33
N HIS D 31 -4.70 -21.74 -27.47
CA HIS D 31 -3.45 -22.20 -28.06
C HIS D 31 -2.27 -21.59 -27.29
N VAL D 32 -1.47 -22.43 -26.64
CA VAL D 32 -0.37 -21.94 -25.81
C VAL D 32 0.94 -21.88 -26.60
N VAL D 33 1.64 -20.75 -26.54
CA VAL D 33 3.00 -20.73 -27.02
C VAL D 33 3.85 -20.60 -25.78
N ALA D 34 4.55 -21.69 -25.48
CA ALA D 34 5.42 -21.77 -24.32
C ALA D 34 6.83 -21.30 -24.68
N TRP D 35 7.38 -20.36 -23.88
CA TRP D 35 8.76 -19.86 -24.00
C TRP D 35 9.59 -20.25 -22.78
N ASP D 36 10.83 -20.69 -23.02
CA ASP D 36 11.76 -21.01 -21.93
C ASP D 36 13.15 -21.20 -22.54
N LEU D 37 14.18 -21.22 -21.70
CA LEU D 37 15.54 -21.62 -22.11
C LEU D 37 15.71 -23.14 -22.12
N ALA D 38 14.96 -23.81 -21.25
CA ALA D 38 15.13 -25.24 -21.00
C ALA D 38 14.40 -26.07 -22.06
N GLU D 39 15.15 -26.55 -23.04
CA GLU D 39 14.53 -27.14 -24.22
C GLU D 39 13.93 -28.52 -24.00
N GLU D 40 14.67 -29.38 -23.30
CA GLU D 40 14.16 -30.70 -22.99
C GLU D 40 12.89 -30.60 -22.17
N ALA D 41 12.93 -29.79 -21.11
CA ALA D 41 11.76 -29.56 -20.29
C ALA D 41 10.64 -28.94 -21.13
N GLY D 42 11.01 -28.13 -22.12
CA GLY D 42 10.04 -27.54 -23.03
C GLY D 42 9.28 -28.61 -23.82
N ALA D 43 10.02 -29.60 -24.31
CA ALA D 43 9.44 -30.69 -25.09
C ALA D 43 8.54 -31.55 -24.22
N ALA D 44 8.97 -31.82 -23.00
CA ALA D 44 8.14 -32.57 -22.07
C ALA D 44 6.82 -31.88 -21.75
N LEU D 45 6.83 -30.56 -21.62
CA LEU D 45 5.59 -29.84 -21.38
C LEU D 45 4.61 -30.03 -22.55
N ILE D 46 5.13 -29.85 -23.75
CA ILE D 46 4.31 -30.00 -24.95
C ILE D 46 3.73 -31.42 -24.96
N ALA D 47 4.52 -32.39 -24.56
CA ALA D 47 4.07 -33.78 -24.57
C ALA D 47 2.99 -33.97 -23.53
N GLU D 48 3.08 -33.24 -22.45
CA GLU D 48 2.04 -33.29 -21.42
C GLU D 48 0.72 -32.69 -21.94
N ILE D 49 0.82 -31.54 -22.59
CA ILE D 49 -0.33 -30.86 -23.17
C ILE D 49 -0.98 -31.73 -24.27
N ALA D 50 -0.17 -32.29 -25.18
CA ALA D 50 -0.69 -33.26 -26.15
C ALA D 50 -1.47 -34.43 -25.50
N ASP D 51 -0.94 -34.99 -24.42
CA ASP D 51 -1.59 -36.11 -23.76
C ASP D 51 -2.97 -35.70 -23.26
N ALA D 52 -3.09 -34.45 -22.85
CA ALA D 52 -4.37 -33.93 -22.39
C ALA D 52 -5.18 -33.29 -23.54
N GLY D 53 -4.78 -33.54 -24.78
CA GLY D 53 -5.54 -33.12 -25.97
C GLY D 53 -5.56 -31.62 -26.26
N GLY D 54 -4.52 -30.90 -25.83
CA GLY D 54 -4.49 -29.46 -26.00
C GLY D 54 -3.68 -29.03 -27.19
N SER D 55 -3.71 -27.73 -27.49
CA SER D 55 -2.95 -27.13 -28.60
C SER D 55 -1.80 -26.27 -28.04
N ALA D 56 -0.56 -26.53 -28.45
CA ALA D 56 0.54 -25.71 -27.96
C ALA D 56 1.80 -25.88 -28.79
N ASP D 57 2.60 -24.81 -28.84
CA ASP D 57 3.95 -24.80 -29.41
C ASP D 57 4.97 -24.52 -28.29
N PHE D 58 6.20 -25.03 -28.44
CA PHE D 58 7.32 -24.58 -27.60
C PHE D 58 8.38 -23.88 -28.42
N ALA D 59 8.94 -22.83 -27.87
CA ALA D 59 10.06 -22.18 -28.52
C ALA D 59 11.11 -21.83 -27.48
N ARG D 60 12.37 -21.94 -27.88
CA ARG D 60 13.47 -21.51 -27.05
C ARG D 60 13.64 -20.00 -27.18
N VAL D 61 13.23 -19.28 -26.14
CA VAL D 61 13.36 -17.82 -26.10
C VAL D 61 13.93 -17.34 -24.75
N ASP D 62 14.94 -16.48 -24.84
CA ASP D 62 15.55 -15.81 -23.70
C ASP D 62 14.84 -14.48 -23.60
N VAL D 63 13.97 -14.32 -22.62
CA VAL D 63 13.23 -13.07 -22.50
C VAL D 63 14.12 -11.83 -22.33
N SER D 64 15.36 -12.01 -21.88
CA SER D 64 16.23 -10.88 -21.59
C SER D 64 16.93 -10.36 -22.87
N ALA D 65 16.76 -11.10 -23.99
CA ALA D 65 17.40 -10.78 -25.27
C ALA D 65 16.39 -10.21 -26.27
N ALA D 66 16.49 -8.91 -26.57
CA ALA D 66 15.47 -8.24 -27.38
C ALA D 66 15.24 -8.93 -28.74
N GLU D 67 16.33 -9.18 -29.46
CA GLU D 67 16.31 -9.86 -30.76
C GLU D 67 15.55 -11.20 -30.76
N SER D 68 15.80 -12.00 -29.74
CA SER D 68 15.17 -13.29 -29.56
C SER D 68 13.65 -13.14 -29.35
N VAL D 69 13.27 -12.17 -28.52
CA VAL D 69 11.86 -11.95 -28.21
C VAL D 69 11.08 -11.44 -29.43
N GLU D 70 11.67 -10.56 -30.19
CA GLU D 70 10.93 -9.99 -31.29
C GLU D 70 10.84 -11.01 -32.43
N ALA D 71 11.85 -11.88 -32.56
CA ALA D 71 11.82 -12.91 -33.58
C ALA D 71 10.73 -13.93 -33.25
N ALA D 72 10.56 -14.19 -31.96
CA ALA D 72 9.57 -15.16 -31.47
C ALA D 72 8.15 -14.63 -31.66
N VAL D 73 7.94 -13.35 -31.40
CA VAL D 73 6.60 -12.78 -31.61
C VAL D 73 6.26 -12.76 -33.09
N ALA D 74 7.24 -12.43 -33.91
CA ALA D 74 6.98 -12.33 -35.32
C ALA D 74 6.59 -13.70 -35.86
N GLU D 75 7.13 -14.75 -35.26
CA GLU D 75 6.79 -16.09 -35.73
C GLU D 75 5.39 -16.47 -35.26
N ILE D 76 4.99 -16.00 -34.10
CA ILE D 76 3.65 -16.31 -33.63
C ILE D 76 2.61 -15.64 -34.53
N ILE D 77 2.82 -14.35 -34.83
CA ILE D 77 1.87 -13.61 -35.65
C ILE D 77 1.77 -14.20 -37.07
N ALA D 78 2.92 -14.44 -37.70
CA ALA D 78 2.91 -15.10 -39.01
C ALA D 78 2.13 -16.45 -39.01
N GLU D 79 2.31 -17.24 -37.96
CA GLU D 79 1.67 -18.57 -37.88
C GLU D 79 0.19 -18.47 -37.47
N HIS D 80 -0.14 -17.66 -36.46
CA HIS D 80 -1.47 -17.64 -35.86
C HIS D 80 -2.21 -16.29 -36.00
N GLY D 81 -1.52 -15.23 -36.38
CA GLY D 81 -2.17 -13.95 -36.67
C GLY D 81 -2.62 -13.12 -35.49
N ARG D 82 -2.36 -13.60 -34.26
CA ARG D 82 -2.84 -12.95 -33.04
C ARG D 82 -2.05 -13.35 -31.79
N VAL D 83 -1.96 -12.43 -30.84
CA VAL D 83 -1.52 -12.71 -29.46
C VAL D 83 -2.54 -12.10 -28.51
N ASP D 84 -3.31 -12.95 -27.85
CA ASP D 84 -4.35 -12.47 -26.97
C ASP D 84 -3.80 -12.23 -25.57
N VAL D 85 -2.94 -13.13 -25.12
CA VAL D 85 -2.43 -13.09 -23.75
C VAL D 85 -0.93 -13.25 -23.66
N LEU D 86 -0.31 -12.45 -22.77
CA LEU D 86 1.05 -12.69 -22.33
C LEU D 86 1.15 -12.84 -20.82
N VAL D 87 1.64 -14.00 -20.39
CA VAL D 87 2.04 -14.21 -19.01
C VAL D 87 3.56 -14.14 -18.90
N ASN D 88 4.07 -13.05 -18.33
CA ASN D 88 5.52 -12.89 -18.05
C ASN D 88 5.90 -13.50 -16.71
N ASN D 89 6.15 -14.80 -16.73
CA ASN D 89 6.33 -15.58 -15.52
C ASN D 89 7.79 -15.99 -15.37
N ALA D 90 8.57 -15.83 -16.42
CA ALA D 90 9.95 -16.24 -16.33
C ALA D 90 10.69 -15.51 -15.24
N GLY D 91 11.51 -16.24 -14.50
CA GLY D 91 12.32 -15.64 -13.46
C GLY D 91 13.50 -16.47 -12.97
N ILE D 92 14.39 -15.79 -12.28
CA ILE D 92 15.52 -16.46 -11.64
C ILE D 92 15.78 -15.81 -10.30
N LEU D 93 16.51 -16.51 -9.45
CA LEU D 93 16.93 -16.04 -8.14
C LEU D 93 18.43 -16.18 -7.98
N HIS D 94 19.00 -15.24 -7.25
CA HIS D 94 20.39 -15.35 -6.80
C HIS D 94 20.47 -14.56 -5.54
N ASP D 95 20.08 -15.17 -4.43
CA ASP D 95 19.95 -14.50 -3.14
C ASP D 95 21.28 -14.26 -2.45
N GLY D 96 21.24 -13.39 -1.44
CA GLY D 96 22.38 -13.15 -0.56
C GLY D 96 22.32 -11.75 0.02
N GLN D 97 22.89 -11.56 1.20
CA GLN D 97 22.91 -10.25 1.84
C GLN D 97 23.65 -9.21 0.96
N LEU D 98 23.26 -7.94 1.09
CA LEU D 98 24.01 -6.88 0.47
C LEU D 98 25.47 -6.98 0.90
N VAL D 99 25.64 -7.13 2.22
CA VAL D 99 26.94 -7.25 2.88
C VAL D 99 26.80 -8.26 4.00
N LYS D 100 27.53 -9.37 3.92
CA LYS D 100 27.55 -10.38 4.98
C LYS D 100 28.81 -10.22 5.82
N VAL D 101 28.62 -10.13 7.13
CA VAL D 101 29.71 -9.81 8.03
C VAL D 101 29.86 -10.83 9.15
N LYS D 102 31.11 -11.12 9.51
CA LYS D 102 31.44 -11.64 10.84
C LYS D 102 32.87 -11.27 11.19
N GLY D 103 33.05 -10.75 12.41
CA GLY D 103 34.35 -10.31 12.88
C GLY D 103 34.55 -8.88 12.46
N GLY D 104 33.43 -8.17 12.26
CA GLY D 104 33.49 -6.82 11.74
C GLY D 104 34.25 -6.88 10.42
N GLU D 105 34.11 -8.02 9.77
CA GLU D 105 34.81 -8.29 8.54
C GLU D 105 33.84 -8.86 7.51
N VAL D 106 33.97 -8.40 6.27
CA VAL D 106 33.05 -8.78 5.20
C VAL D 106 33.46 -10.13 4.60
N VAL D 107 32.57 -11.10 4.68
CA VAL D 107 32.90 -12.44 4.21
C VAL D 107 32.27 -12.72 2.86
N LYS D 108 31.22 -11.97 2.54
CA LYS D 108 30.55 -12.05 1.24
C LYS D 108 29.75 -10.78 1.02
N LYS D 109 29.45 -10.49 -0.23
CA LYS D 109 28.52 -9.41 -0.57
C LYS D 109 27.86 -9.77 -1.89
N MET D 110 26.69 -9.19 -2.16
CA MET D 110 26.00 -9.53 -3.39
C MET D 110 26.81 -9.08 -4.61
N ALA D 111 27.19 -10.05 -5.43
CA ALA D 111 28.00 -9.76 -6.61
C ALA D 111 27.18 -8.89 -7.57
N GLU D 112 27.87 -7.98 -8.23
CA GLU D 112 27.26 -7.09 -9.21
C GLU D 112 26.56 -7.84 -10.37
N ALA D 113 27.18 -8.92 -10.83
CA ALA D 113 26.62 -9.71 -11.94
C ALA D 113 25.38 -10.50 -11.47
N GLN D 114 25.34 -10.76 -10.18
CA GLN D 114 24.22 -11.41 -9.48
C GLN D 114 23.02 -10.48 -9.40
N PHE D 115 23.31 -9.23 -9.07
CA PHE D 115 22.29 -8.19 -9.10
C PHE D 115 21.82 -8.00 -10.53
N ASP D 116 22.76 -7.84 -11.45
CA ASP D 116 22.44 -7.56 -12.83
C ASP D 116 21.65 -8.69 -13.50
N ALA D 117 22.03 -9.95 -13.25
CA ALA D 117 21.35 -11.08 -13.90
C ALA D 117 19.87 -11.17 -13.50
N VAL D 118 19.59 -11.04 -12.20
CA VAL D 118 18.22 -11.05 -11.72
C VAL D 118 17.39 -9.86 -12.27
N ILE D 119 17.97 -8.66 -12.32
CA ILE D 119 17.26 -7.52 -12.86
C ILE D 119 16.96 -7.76 -14.34
N SER D 120 17.92 -8.37 -15.03
CA SER D 120 17.85 -8.61 -16.46
C SER D 120 16.64 -9.47 -16.83
N VAL D 121 16.44 -10.56 -16.10
CA VAL D 121 15.39 -11.53 -16.44
C VAL D 121 14.05 -11.11 -15.86
N ASN D 122 14.06 -10.69 -14.60
CA ASN D 122 12.84 -10.52 -13.82
C ASN D 122 12.22 -9.14 -14.02
N LEU D 123 13.05 -8.19 -14.46
CA LEU D 123 12.56 -6.83 -14.73
C LEU D 123 12.64 -6.48 -16.20
N LYS D 124 13.83 -6.50 -16.78
CA LYS D 124 13.95 -6.09 -18.18
C LYS D 124 13.15 -6.99 -19.11
N GLY D 125 13.20 -8.30 -18.87
CA GLY D 125 12.50 -9.25 -19.71
C GLY D 125 11.01 -9.00 -19.80
N VAL D 126 10.43 -8.58 -18.68
CA VAL D 126 9.02 -8.25 -18.66
C VAL D 126 8.80 -7.09 -19.63
N PHE D 127 9.63 -6.06 -19.55
CA PHE D 127 9.57 -4.88 -20.43
C PHE D 127 9.73 -5.25 -21.92
N LEU D 128 10.66 -6.14 -22.21
CA LEU D 128 10.89 -6.54 -23.60
C LEU D 128 9.71 -7.31 -24.17
N CYS D 129 9.21 -8.27 -23.41
CA CYS D 129 8.14 -9.12 -23.90
C CYS D 129 6.83 -8.34 -24.15
N THR D 130 6.41 -7.54 -23.18
CA THR D 130 5.22 -6.73 -23.28
C THR D 130 5.37 -5.80 -24.49
N GLN D 131 6.53 -5.19 -24.60
CA GLN D 131 6.73 -4.20 -25.63
C GLN D 131 6.62 -4.85 -26.98
N ALA D 132 6.92 -6.13 -27.04
CA ALA D 132 6.96 -6.84 -28.30
C ALA D 132 5.58 -7.30 -28.74
N VAL D 133 4.68 -7.62 -27.79
CA VAL D 133 3.33 -8.08 -28.14
C VAL D 133 2.35 -6.93 -28.29
N ALA D 134 2.67 -5.82 -27.63
CA ALA D 134 1.70 -4.76 -27.44
C ALA D 134 1.12 -4.19 -28.74
N PRO D 135 1.95 -3.98 -29.78
CA PRO D 135 1.42 -3.40 -31.00
C PRO D 135 0.34 -4.26 -31.66
N HIS D 136 0.51 -5.57 -31.53
CA HIS D 136 -0.44 -6.50 -32.08
C HIS D 136 -1.75 -6.50 -31.32
N MET D 137 -1.68 -6.40 -29.99
CA MET D 137 -2.87 -6.26 -29.13
C MET D 137 -3.61 -4.93 -29.41
N ILE D 138 -2.86 -3.85 -29.59
CA ILE D 138 -3.44 -2.56 -29.96
C ILE D 138 -4.21 -2.70 -31.29
N ALA D 139 -3.53 -3.14 -32.34
CA ALA D 139 -4.20 -3.39 -33.64
C ALA D 139 -5.54 -4.15 -33.50
N ALA D 140 -5.55 -5.16 -32.63
CA ALA D 140 -6.68 -6.08 -32.47
C ALA D 140 -7.71 -5.56 -31.49
N LYS D 141 -7.37 -4.46 -30.84
CA LYS D 141 -8.17 -3.84 -29.79
C LYS D 141 -8.49 -4.81 -28.68
N TYR D 142 -7.53 -5.68 -28.35
CA TYR D 142 -7.71 -6.62 -27.26
C TYR D 142 -6.38 -7.13 -26.72
N GLY D 143 -6.32 -7.35 -25.43
CA GLY D 143 -5.13 -7.97 -24.83
C GLY D 143 -5.19 -8.11 -23.32
N ARG D 144 -4.42 -9.06 -22.81
CA ARG D 144 -4.25 -9.31 -21.40
C ARG D 144 -2.74 -9.43 -21.11
N ILE D 145 -2.18 -8.47 -20.38
CA ILE D 145 -0.78 -8.55 -19.90
C ILE D 145 -0.77 -8.90 -18.42
N LEU D 146 -0.03 -9.96 -18.07
CA LEU D 146 -0.06 -10.54 -16.74
C LEU D 146 1.36 -10.79 -16.23
N ASN D 147 1.79 -10.02 -15.23
CA ASN D 147 3.17 -10.02 -14.76
C ASN D 147 3.35 -10.72 -13.39
N ALA D 148 4.35 -11.60 -13.33
CA ALA D 148 4.67 -12.31 -12.08
C ALA D 148 5.43 -11.37 -11.14
N SER D 149 4.80 -10.97 -10.05
CA SER D 149 5.47 -10.31 -8.94
C SER D 149 5.69 -11.37 -7.85
N SER D 150 5.69 -10.93 -6.59
CA SER D 150 5.87 -11.82 -5.45
C SER D 150 5.45 -11.09 -4.17
N VAL D 151 5.06 -11.87 -3.16
CA VAL D 151 4.65 -11.35 -1.86
C VAL D 151 5.80 -10.54 -1.26
N VAL D 152 6.98 -10.91 -1.70
CA VAL D 152 8.25 -10.35 -1.27
C VAL D 152 8.44 -8.90 -1.84
N GLY D 153 7.70 -8.59 -2.91
CA GLY D 153 7.77 -7.25 -3.50
C GLY D 153 6.88 -6.31 -2.75
N LEU D 154 6.00 -6.90 -1.95
CA LEU D 154 5.15 -6.12 -1.06
C LEU D 154 5.87 -5.71 0.23
N TYR D 155 6.50 -6.68 0.88
CA TYR D 155 7.06 -6.47 2.22
C TYR D 155 8.58 -6.41 2.32
N GLY D 156 9.28 -6.72 1.24
CA GLY D 156 10.71 -6.91 1.31
C GLY D 156 11.01 -8.28 1.95
N ASN D 157 12.28 -8.68 1.94
CA ASN D 157 12.67 -9.99 2.51
C ASN D 157 14.17 -10.04 2.65
N PHE D 158 14.62 -10.57 3.78
CA PHE D 158 16.04 -10.72 4.07
C PHE D 158 16.75 -11.47 2.95
N GLY D 159 17.88 -10.95 2.48
CA GLY D 159 18.70 -11.62 1.48
C GLY D 159 18.22 -11.50 0.04
N GLN D 160 17.26 -10.61 -0.25
CA GLN D 160 16.65 -10.55 -1.59
C GLN D 160 16.63 -9.16 -2.24
N THR D 161 17.69 -8.39 -1.99
CA THR D 161 17.92 -7.10 -2.65
C THR D 161 17.53 -7.11 -4.14
N ASN D 162 18.11 -8.04 -4.90
CA ASN D 162 17.95 -8.01 -6.33
C ASN D 162 16.56 -8.51 -6.73
N TYR D 163 16.09 -9.58 -6.09
CA TYR D 163 14.80 -10.15 -6.41
C TYR D 163 13.63 -9.20 -6.03
N VAL D 164 13.76 -8.54 -4.86
CA VAL D 164 12.70 -7.64 -4.40
C VAL D 164 12.65 -6.40 -5.29
N ALA D 165 13.82 -5.89 -5.67
CA ALA D 165 13.86 -4.75 -6.56
C ALA D 165 13.06 -5.03 -7.85
N ALA D 166 13.26 -6.22 -8.39
CA ALA D 166 12.63 -6.64 -9.63
C ALA D 166 11.15 -6.78 -9.47
N LYS D 167 10.75 -7.48 -8.45
CA LYS D 167 9.37 -7.80 -8.28
C LYS D 167 8.54 -6.58 -7.85
N SER D 168 9.15 -5.70 -7.08
CA SER D 168 8.45 -4.46 -6.74
C SER D 168 8.44 -3.55 -7.98
N GLY D 169 9.54 -3.54 -8.73
CA GLY D 169 9.58 -2.80 -9.97
C GLY D 169 8.57 -3.26 -11.03
N VAL D 170 8.37 -4.58 -11.14
CA VAL D 170 7.37 -5.13 -12.06
C VAL D 170 5.97 -4.60 -11.77
N ILE D 171 5.64 -4.48 -10.49
CA ILE D 171 4.38 -3.89 -10.10
C ILE D 171 4.28 -2.44 -10.63
N GLY D 172 5.36 -1.67 -10.49
CA GLY D 172 5.41 -0.32 -11.03
C GLY D 172 5.13 -0.27 -12.52
N MET D 173 5.77 -1.17 -13.27
CA MET D 173 5.62 -1.18 -14.70
C MET D 173 4.20 -1.56 -15.07
N THR D 174 3.62 -2.48 -14.29
CA THR D 174 2.22 -2.90 -14.44
C THR D 174 1.27 -1.68 -14.36
N LYS D 175 1.57 -0.77 -13.45
CA LYS D 175 0.75 0.41 -13.24
C LYS D 175 0.91 1.41 -14.39
N VAL D 176 2.10 1.50 -14.97
CA VAL D 176 2.29 2.37 -16.13
C VAL D 176 1.50 1.84 -17.33
N TRP D 177 1.67 0.56 -17.60
CA TRP D 177 1.08 -0.02 -18.80
C TRP D 177 -0.46 -0.01 -18.72
N ALA D 178 -1.03 -0.18 -17.53
CA ALA D 178 -2.47 -0.09 -17.35
C ALA D 178 -2.99 1.24 -17.89
N ARG D 179 -2.28 2.30 -17.52
CA ARG D 179 -2.63 3.67 -17.93
C ARG D 179 -2.51 3.93 -19.43
N GLU D 180 -1.45 3.41 -20.01
CA GLU D 180 -1.15 3.65 -21.41
C GLU D 180 -1.97 2.78 -22.37
N LEU D 181 -2.37 1.59 -21.92
CA LEU D 181 -2.87 0.57 -22.87
C LEU D 181 -4.36 0.30 -22.76
N GLY D 182 -4.94 0.78 -21.66
CA GLY D 182 -6.35 0.58 -21.40
C GLY D 182 -7.23 1.02 -22.56
N ARG D 183 -6.93 2.19 -23.13
CA ARG D 183 -7.70 2.74 -24.26
C ARG D 183 -7.76 1.85 -25.51
N TYR D 184 -6.91 0.84 -25.57
CA TYR D 184 -6.89 -0.08 -26.71
C TYR D 184 -7.51 -1.44 -26.37
N GLY D 185 -8.33 -1.52 -25.33
CA GLY D 185 -8.95 -2.80 -24.97
C GLY D 185 -7.99 -3.76 -24.28
N ILE D 186 -6.87 -3.22 -23.78
CA ILE D 186 -5.84 -4.04 -23.12
C ILE D 186 -5.78 -3.82 -21.63
N THR D 187 -5.73 -4.90 -20.85
CA THR D 187 -5.58 -4.80 -19.41
C THR D 187 -4.20 -5.31 -19.01
N VAL D 188 -3.70 -4.81 -17.87
CA VAL D 188 -2.37 -5.16 -17.38
C VAL D 188 -2.47 -5.34 -15.87
N ASN D 189 -2.19 -6.56 -15.43
CA ASN D 189 -2.24 -6.87 -14.00
C ASN D 189 -0.99 -7.65 -13.60
N ALA D 190 -0.75 -7.72 -12.29
CA ALA D 190 0.32 -8.55 -11.72
C ALA D 190 -0.28 -9.58 -10.78
N ILE D 191 0.41 -10.69 -10.59
CA ILE D 191 0.09 -11.60 -9.49
C ILE D 191 1.28 -11.67 -8.56
N ALA D 192 1.00 -11.68 -7.26
CA ALA D 192 2.04 -11.76 -6.24
C ALA D 192 1.89 -13.05 -5.43
N PRO D 193 2.50 -14.15 -5.92
CA PRO D 193 2.46 -15.42 -5.19
C PRO D 193 3.16 -15.39 -3.84
N GLY D 194 2.63 -16.12 -2.87
CA GLY D 194 3.32 -16.36 -1.61
C GLY D 194 4.34 -17.48 -1.77
N PHE D 195 4.50 -18.30 -0.73
CA PHE D 195 5.34 -19.50 -0.80
C PHE D 195 4.64 -20.59 -1.64
N ILE D 196 5.28 -21.00 -2.73
CA ILE D 196 4.69 -21.96 -3.65
C ILE D 196 5.64 -23.14 -3.82
N ALA D 197 5.08 -24.33 -3.86
CA ALA D 197 5.84 -25.57 -3.84
C ALA D 197 6.39 -25.89 -5.22
N THR D 198 7.37 -25.11 -5.65
CA THR D 198 8.15 -25.49 -6.81
C THR D 198 9.49 -26.02 -6.33
N GLU D 199 10.40 -26.30 -7.26
CA GLU D 199 11.55 -27.14 -6.94
C GLU D 199 12.39 -26.55 -5.80
N MET D 200 12.75 -25.28 -5.90
CA MET D 200 13.57 -24.62 -4.86
C MET D 200 12.98 -24.74 -3.46
N VAL D 201 11.72 -24.34 -3.31
CA VAL D 201 11.03 -24.50 -2.03
C VAL D 201 11.02 -25.98 -1.60
N GLN D 202 10.70 -26.87 -2.54
CA GLN D 202 10.61 -28.29 -2.23
C GLN D 202 11.94 -28.88 -1.73
N GLN D 203 13.06 -28.24 -2.09
CA GLN D 203 14.40 -28.64 -1.67
C GLN D 203 14.82 -28.03 -0.32
N MET D 204 13.94 -27.21 0.25
CA MET D 204 14.28 -26.57 1.53
C MET D 204 14.36 -27.57 2.70
N PRO D 205 15.18 -27.24 3.71
CA PRO D 205 15.24 -28.15 4.87
C PRO D 205 13.90 -28.39 5.57
N GLU D 206 13.79 -29.51 6.24
CA GLU D 206 12.57 -29.83 6.95
C GLU D 206 12.15 -28.71 7.89
N ARG D 207 13.07 -28.22 8.72
CA ARG D 207 12.71 -27.25 9.76
C ARG D 207 12.27 -25.90 9.17
N VAL D 208 12.90 -25.48 8.07
CA VAL D 208 12.50 -24.21 7.46
C VAL D 208 11.11 -24.30 6.82
N LEU D 209 10.83 -25.41 6.14
CA LEU D 209 9.51 -25.60 5.54
C LEU D 209 8.41 -25.61 6.61
N GLU D 210 8.63 -26.33 7.71
CA GLU D 210 7.65 -26.36 8.80
C GLU D 210 7.27 -24.98 9.25
N ALA D 211 8.29 -24.16 9.52
CA ALA D 211 8.05 -22.83 10.03
C ALA D 211 7.34 -21.99 8.95
N MET D 212 7.70 -22.18 7.69
CA MET D 212 6.98 -21.50 6.60
C MET D 212 5.47 -21.81 6.57
N VAL D 213 5.10 -23.09 6.68
CA VAL D 213 3.68 -23.45 6.81
C VAL D 213 3.08 -22.80 8.08
N ALA D 214 3.76 -22.91 9.22
CA ALA D 214 3.27 -22.33 10.47
C ALA D 214 2.91 -20.83 10.35
N ARG D 215 3.69 -20.15 9.53
CA ARG D 215 3.57 -18.69 9.39
C ARG D 215 2.56 -18.32 8.26
N THR D 216 1.84 -19.31 7.77
CA THR D 216 0.90 -19.13 6.64
C THR D 216 -0.49 -19.42 7.16
N PRO D 217 -1.32 -18.38 7.28
CA PRO D 217 -2.62 -18.61 7.93
C PRO D 217 -3.42 -19.84 7.44
N VAL D 218 -3.45 -20.07 6.13
CA VAL D 218 -4.27 -21.16 5.57
C VAL D 218 -3.61 -22.54 5.73
N GLY D 219 -2.41 -22.58 6.32
CA GLY D 219 -1.85 -23.84 6.79
C GLY D 219 -1.12 -24.76 5.81
N ARG D 220 -0.64 -24.22 4.69
CA ARG D 220 0.17 -24.98 3.74
C ARG D 220 1.00 -24.10 2.84
N ILE D 221 1.94 -24.73 2.15
CA ILE D 221 2.63 -24.11 1.05
C ILE D 221 1.65 -24.11 -0.13
N GLY D 222 1.68 -23.06 -0.94
CA GLY D 222 0.85 -22.99 -2.13
C GLY D 222 1.31 -23.97 -3.20
N ASP D 223 0.42 -24.25 -4.14
CA ASP D 223 0.73 -25.11 -5.26
C ASP D 223 0.81 -24.27 -6.53
N PRO D 224 1.63 -24.69 -7.51
CA PRO D 224 1.67 -23.94 -8.77
C PRO D 224 0.27 -23.79 -9.38
N VAL D 225 -0.60 -24.77 -9.18
CA VAL D 225 -1.95 -24.73 -9.74
C VAL D 225 -2.79 -23.56 -9.15
N ASP D 226 -2.48 -23.17 -7.92
CA ASP D 226 -3.10 -21.99 -7.31
C ASP D 226 -2.86 -20.73 -8.13
N ILE D 227 -1.67 -20.64 -8.69
CA ILE D 227 -1.27 -19.47 -9.40
C ILE D 227 -1.74 -19.60 -10.85
N ALA D 228 -1.72 -20.81 -11.39
CA ALA D 228 -2.21 -21.05 -12.75
C ALA D 228 -3.63 -20.60 -12.89
N ARG D 229 -4.44 -20.99 -11.91
CA ARG D 229 -5.86 -20.66 -11.90
C ARG D 229 -6.08 -19.17 -11.83
N ALA D 230 -5.24 -18.48 -11.08
CA ALA D 230 -5.39 -17.03 -10.92
C ALA D 230 -5.06 -16.31 -12.22
N TYR D 231 -3.99 -16.71 -12.91
CA TYR D 231 -3.65 -16.14 -14.21
C TYR D 231 -4.80 -16.32 -15.21
N LEU D 232 -5.42 -17.51 -15.18
CA LEU D 232 -6.50 -17.83 -16.12
C LEU D 232 -7.69 -16.92 -15.89
N PHE D 233 -8.08 -16.77 -14.63
CA PHE D 233 -9.15 -15.83 -14.28
C PHE D 233 -8.84 -14.41 -14.78
N LEU D 234 -7.64 -13.92 -14.50
CA LEU D 234 -7.29 -12.55 -14.86
C LEU D 234 -7.28 -12.39 -16.37
N ALA D 235 -6.97 -13.46 -17.09
CA ALA D 235 -6.87 -13.37 -18.55
C ALA D 235 -8.23 -13.51 -19.23
N SER D 236 -9.29 -13.81 -18.48
CA SER D 236 -10.60 -14.04 -19.08
C SER D 236 -11.09 -12.82 -19.87
N GLU D 237 -11.76 -13.09 -20.98
CA GLU D 237 -12.32 -12.01 -21.78
C GLU D 237 -13.38 -11.32 -20.98
N GLU D 238 -13.82 -11.93 -19.87
CA GLU D 238 -14.81 -11.34 -18.96
C GLU D 238 -14.12 -10.50 -17.84
N SER D 239 -12.77 -10.45 -17.84
CA SER D 239 -12.04 -9.67 -16.84
C SER D 239 -11.55 -8.31 -17.36
N GLY D 240 -12.28 -7.75 -18.33
CA GLY D 240 -11.89 -6.49 -18.95
C GLY D 240 -11.95 -5.26 -18.06
N PHE D 241 -12.66 -5.34 -16.93
CA PHE D 241 -12.68 -4.26 -15.95
C PHE D 241 -11.66 -4.49 -14.81
N ILE D 242 -10.87 -5.56 -14.88
CA ILE D 242 -9.73 -5.71 -13.95
C ILE D 242 -8.45 -5.24 -14.64
N SER D 243 -7.87 -4.14 -14.15
CA SER D 243 -6.63 -3.64 -14.71
C SER D 243 -5.85 -2.77 -13.72
N GLY D 244 -4.54 -2.76 -13.86
CA GLY D 244 -3.68 -2.00 -12.97
C GLY D 244 -3.53 -2.61 -11.59
N THR D 245 -4.00 -3.84 -11.38
CA THR D 245 -3.94 -4.40 -10.02
C THR D 245 -2.93 -5.56 -9.83
N THR D 246 -2.65 -5.80 -8.55
CA THR D 246 -1.75 -6.85 -8.08
C THR D 246 -2.56 -7.81 -7.23
N LEU D 247 -2.83 -9.00 -7.75
CA LEU D 247 -3.58 -9.99 -7.00
C LEU D 247 -2.57 -10.82 -6.18
N SER D 248 -2.74 -10.84 -4.87
CA SER D 248 -1.92 -11.68 -4.02
C SER D 248 -2.53 -13.06 -3.90
N VAL D 249 -1.71 -14.08 -4.14
CA VAL D 249 -2.12 -15.47 -3.89
C VAL D 249 -1.05 -16.07 -3.00
N ASP D 250 -1.19 -15.85 -1.68
CA ASP D 250 -0.10 -16.13 -0.71
C ASP D 250 -0.61 -16.76 0.59
N GLY D 251 -1.87 -17.19 0.59
CA GLY D 251 -2.44 -17.89 1.72
C GLY D 251 -2.56 -17.06 2.98
N GLY D 252 -2.57 -15.73 2.82
CA GLY D 252 -2.69 -14.83 3.96
C GLY D 252 -1.34 -14.56 4.57
N MET D 253 -0.29 -15.07 3.95
CA MET D 253 1.05 -14.90 4.52
C MET D 253 1.57 -13.44 4.39
N VAL D 254 2.00 -12.87 5.51
CA VAL D 254 2.70 -11.58 5.54
C VAL D 254 4.10 -11.80 6.11
N VAL D 255 5.12 -11.33 5.39
CA VAL D 255 6.51 -11.61 5.77
C VAL D 255 7.01 -10.80 6.98
N GLY D 256 6.98 -11.42 8.15
CA GLY D 256 7.47 -10.76 9.35
C GLY D 256 8.94 -10.41 9.29
N SER D 257 9.35 -9.42 10.08
CA SER D 257 10.75 -9.01 10.16
C SER D 257 11.47 -9.69 11.34
#